data_8B7P
#
_entry.id   8B7P
#
_cell.length_a   47.900
_cell.length_b   64.378
_cell.length_c   76.237
_cell.angle_alpha   86.459
_cell.angle_beta   85.540
_cell.angle_gamma   68.208
#
_symmetry.space_group_name_H-M   'P 1'
#
loop_
_entity.id
_entity.type
_entity.pdbx_description
1 polymer 'Endo-beta-1,4-glucanase D'
2 non-polymer 2-acetamido-2-deoxy-beta-D-glucopyranose
3 non-polymer 'COPPER (II) ION'
4 water water
#
_entity_poly.entity_id   1
_entity_poly.type   'polypeptide(L)'
_entity_poly.pdbx_seq_one_letter_code
;(HIC)YVFPALVQDGAATGDWKYVRDWTGSYGNGPVEDVTSLDIRCNKDASTNGNATETLPVKAGEEIGFTVRTNIGHPG
PLLAYMAKAPGDASDFDGDGQVWFKIYEDGPTVTDDGLTWPSDGATNVNFTIPSSLPDGDYLLRVEHIALHGAGTEGGAQ
FYLSCGQVSVTGGGNGDPAPLVAFPGAYDPTDPGILINIYWPVPTNYTPPGPKVWSG
;
_entity_poly.pdbx_strand_id   AAA,BBB,CCC,DDD
#
loop_
_chem_comp.id
_chem_comp.type
_chem_comp.name
_chem_comp.formula
CU non-polymer 'COPPER (II) ION' 'Cu 2'
NAG D-saccharide, beta linking 2-acetamido-2-deoxy-beta-D-glucopyranose 'C8 H15 N O6'
#
# COMPACT_ATOMS: atom_id res chain seq x y z
N HIC A 1 5.11 -9.49 6.90
CA HIC A 1 6.31 -10.10 6.24
C HIC A 1 7.25 -8.98 5.78
O HIC A 1 7.04 -8.34 4.76
CB HIC A 1 5.84 -11.05 5.14
CG HIC A 1 5.34 -12.35 5.71
ND1 HIC A 1 4.38 -12.35 6.71
CD2 HIC A 1 5.74 -13.63 5.46
CE1 HIC A 1 4.19 -13.61 7.01
NE2 HIC A 1 5.02 -14.45 6.30
CZ HIC A 1 5.13 -15.90 6.34
H2 HIC A 1 5.10 -8.54 6.76
H HIC A 1 4.34 -9.82 6.52
H3 HIC A 1 5.13 -9.67 7.83
HA HIC A 1 6.78 -10.62 6.93
HB2 HIC A 1 6.59 -11.22 4.53
HB3 HIC A 1 5.14 -10.61 4.62
HD2 HIC A 1 6.41 -13.92 4.85
HE1 HIC A 1 3.58 -13.91 7.65
HZ1 HIC A 1 4.94 -16.21 7.24
HZ2 HIC A 1 6.03 -16.15 6.10
HZ3 HIC A 1 4.50 -16.29 5.73
N TYR A 2 8.24 -8.68 6.62
CA TYR A 2 9.25 -7.66 6.36
C TYR A 2 10.51 -8.08 7.12
N VAL A 3 11.66 -7.47 6.81
CA VAL A 3 12.94 -7.64 7.56
C VAL A 3 13.60 -6.29 7.77
N PHE A 4 14.55 -6.26 8.71
CA PHE A 4 15.39 -5.10 9.06
C PHE A 4 16.81 -5.47 8.66
N PRO A 5 17.22 -5.20 7.40
CA PRO A 5 18.50 -5.70 6.88
C PRO A 5 19.77 -4.88 7.13
N ALA A 6 19.65 -3.55 7.33
CA ALA A 6 20.83 -2.67 7.44
C ALA A 6 20.60 -1.55 8.44
N LEU A 7 21.67 -1.14 9.12
CA LEU A 7 21.69 0.05 10.00
C LEU A 7 21.73 1.31 9.14
N VAL A 8 21.12 2.38 9.66
CA VAL A 8 21.08 3.73 9.04
C VAL A 8 21.86 4.66 9.96
N GLN A 9 22.89 5.31 9.45
CA GLN A 9 23.70 6.29 10.20
C GLN A 9 23.93 7.51 9.30
N ASP A 10 23.89 8.72 9.87
CA ASP A 10 24.10 10.01 9.15
C ASP A 10 23.18 10.08 7.96
N GLY A 11 21.94 9.64 8.08
CA GLY A 11 20.95 9.74 6.99
C GLY A 11 21.37 8.97 5.74
N ALA A 12 22.03 7.82 5.87
CA ALA A 12 22.30 6.89 4.75
C ALA A 12 22.29 5.43 5.27
N ALA A 13 21.74 4.53 4.46
CA ALA A 13 21.75 3.08 4.74
C ALA A 13 23.19 2.61 4.56
N THR A 14 23.65 1.71 5.41
CA THR A 14 24.85 0.89 5.18
C THR A 14 24.39 -0.33 4.37
N GLY A 15 25.27 -1.29 4.15
CA GLY A 15 24.95 -2.39 3.22
C GLY A 15 23.98 -3.33 3.87
N ASP A 16 23.08 -3.92 3.09
CA ASP A 16 22.17 -4.98 3.59
C ASP A 16 23.00 -6.08 4.26
N TRP A 17 22.71 -6.37 5.54
CA TRP A 17 23.32 -7.44 6.36
C TRP A 17 24.81 -7.19 6.62
N LYS A 18 25.31 -5.97 6.41
CA LYS A 18 26.75 -5.65 6.63
C LYS A 18 26.98 -5.57 8.15
N TYR A 19 26.28 -4.63 8.80
CA TYR A 19 26.41 -4.38 10.26
C TYR A 19 25.26 -5.03 11.03
N VAL A 20 24.46 -5.88 10.37
CA VAL A 20 23.27 -6.57 10.92
C VAL A 20 23.45 -8.07 10.67
N ARG A 21 23.16 -8.90 11.65
CA ARG A 21 23.33 -10.39 11.52
C ARG A 21 22.28 -10.94 10.57
N ASP A 22 22.66 -11.42 9.38
CA ASP A 22 21.67 -12.10 8.48
C ASP A 22 21.20 -13.39 9.19
N TRP A 23 19.99 -13.87 8.87
CA TRP A 23 19.39 -15.06 9.52
C TRP A 23 18.81 -16.03 8.50
N THR A 24 18.88 -17.33 8.85
CA THR A 24 18.36 -18.47 8.07
C THR A 24 16.91 -18.22 7.72
N GLY A 25 16.68 -18.01 6.44
CA GLY A 25 15.32 -17.87 5.88
C GLY A 25 14.89 -16.42 5.79
N SER A 26 15.82 -15.47 5.83
CA SER A 26 15.51 -14.01 5.80
C SER A 26 14.91 -13.64 4.46
N TYR A 27 15.18 -14.44 3.43
CA TYR A 27 14.65 -14.28 2.07
C TYR A 27 13.13 -14.36 2.12
N GLY A 28 12.56 -15.18 3.02
CA GLY A 28 11.11 -15.48 3.05
C GLY A 28 10.30 -14.51 3.90
N ASN A 29 10.99 -13.59 4.61
CA ASN A 29 10.45 -12.51 5.46
C ASN A 29 9.57 -13.10 6.58
N GLY A 30 9.90 -14.31 7.04
CA GLY A 30 9.12 -15.11 8.00
C GLY A 30 9.15 -14.58 9.44
N PRO A 31 7.99 -14.68 10.13
CA PRO A 31 7.86 -14.27 11.53
C PRO A 31 8.46 -15.32 12.46
N VAL A 32 9.11 -14.89 13.53
CA VAL A 32 9.29 -15.75 14.73
C VAL A 32 7.92 -15.85 15.40
N GLU A 33 7.52 -17.05 15.82
CA GLU A 33 6.15 -17.34 16.34
C GLU A 33 6.23 -17.92 17.77
N ASP A 34 7.42 -18.27 18.26
CA ASP A 34 7.59 -18.95 19.57
C ASP A 34 8.56 -18.07 20.37
N VAL A 35 8.06 -17.30 21.34
CA VAL A 35 8.91 -16.44 22.21
C VAL A 35 9.78 -17.28 23.17
N THR A 36 9.66 -18.62 23.24
CA THR A 36 10.56 -19.48 24.06
C THR A 36 11.77 -19.93 23.21
N SER A 37 11.69 -19.80 21.88
CA SER A 37 12.76 -20.17 20.91
C SER A 37 13.96 -19.24 21.02
N LEU A 38 15.17 -19.76 20.74
CA LEU A 38 16.42 -18.95 20.58
C LEU A 38 16.25 -17.94 19.43
N ASP A 39 15.32 -18.22 18.50
CA ASP A 39 14.95 -17.33 17.37
C ASP A 39 14.59 -15.92 17.89
N ILE A 40 13.89 -15.82 19.03
CA ILE A 40 13.40 -14.50 19.53
C ILE A 40 14.58 -13.58 19.87
N ARG A 41 15.80 -14.09 20.10
CA ARG A 41 16.95 -13.20 20.41
C ARG A 41 17.33 -12.33 19.19
N CYS A 42 17.88 -12.95 18.13
CA CYS A 42 18.41 -12.26 16.91
C CYS A 42 17.90 -12.93 15.62
N ASN A 43 16.88 -13.78 15.72
CA ASN A 43 16.27 -14.51 14.57
C ASN A 43 17.10 -15.77 14.29
N LYS A 44 16.64 -16.60 13.37
CA LYS A 44 17.08 -18.03 13.27
C LYS A 44 18.58 -18.09 12.99
N ASP A 45 19.32 -18.74 13.89
CA ASP A 45 20.76 -19.08 13.75
C ASP A 45 21.63 -17.81 13.93
N ALA A 46 21.04 -16.64 14.19
CA ALA A 46 21.78 -15.37 14.15
C ALA A 46 22.47 -15.13 15.49
N SER A 47 22.06 -15.77 16.57
CA SER A 47 22.55 -15.41 17.93
C SER A 47 23.99 -15.89 18.08
N THR A 48 24.34 -17.04 17.50
CA THR A 48 25.48 -17.86 18.00
C THR A 48 26.79 -17.07 17.83
N ASN A 49 26.92 -16.29 16.74
CA ASN A 49 27.95 -15.21 16.63
C ASN A 49 27.73 -14.37 15.36
N GLY A 50 28.56 -13.33 15.19
CA GLY A 50 28.59 -12.48 13.98
C GLY A 50 29.94 -12.59 13.28
N ASN A 51 30.42 -13.81 13.08
CA ASN A 51 31.79 -14.07 12.57
C ASN A 51 31.91 -13.49 11.15
N ALA A 52 30.80 -13.21 10.46
CA ALA A 52 30.74 -12.57 9.12
C ALA A 52 29.85 -11.31 9.11
N THR A 53 29.71 -10.62 10.25
CA THR A 53 28.99 -9.33 10.39
C THR A 53 29.95 -8.29 10.95
N GLU A 54 29.86 -7.03 10.51
CA GLU A 54 30.75 -5.95 11.00
C GLU A 54 30.06 -5.14 12.09
N THR A 55 30.84 -4.35 12.79
CA THR A 55 30.37 -3.50 13.92
C THR A 55 30.50 -2.03 13.51
N LEU A 56 29.44 -1.26 13.63
CA LEU A 56 29.44 0.18 13.22
C LEU A 56 29.91 1.02 14.41
N PRO A 57 30.97 1.83 14.30
CA PRO A 57 31.26 2.82 15.35
C PRO A 57 30.12 3.84 15.45
N VAL A 58 29.66 4.08 16.68
CA VAL A 58 28.59 5.06 16.96
C VAL A 58 28.95 5.80 18.24
N LYS A 59 28.26 6.93 18.46
CA LYS A 59 28.32 7.74 19.71
C LYS A 59 27.09 7.50 20.58
N ALA A 60 27.29 7.45 21.90
CA ALA A 60 26.23 7.66 22.90
C ALA A 60 25.50 8.97 22.54
N GLY A 61 24.20 8.91 22.28
CA GLY A 61 23.38 10.09 21.94
C GLY A 61 23.00 10.13 20.47
N GLU A 62 23.59 9.26 19.66
CA GLU A 62 23.43 9.28 18.19
C GLU A 62 22.12 8.57 17.84
N GLU A 63 21.41 9.05 16.80
CA GLU A 63 20.23 8.37 16.22
C GLU A 63 20.74 7.38 15.17
N ILE A 64 20.66 6.11 15.52
CA ILE A 64 20.92 4.94 14.65
C ILE A 64 19.56 4.34 14.36
N GLY A 65 19.29 4.05 13.09
CA GLY A 65 18.08 3.35 12.65
C GLY A 65 18.37 2.06 11.90
N PHE A 66 17.33 1.53 11.28
CA PHE A 66 17.35 0.35 10.38
C PHE A 66 16.48 0.68 9.15
N THR A 67 16.91 0.20 7.99
CA THR A 67 16.05 0.10 6.79
C THR A 67 14.97 -0.94 7.10
N VAL A 68 13.85 -0.87 6.42
CA VAL A 68 12.79 -1.92 6.47
C VAL A 68 12.66 -2.48 5.05
N ARG A 69 12.72 -3.80 4.89
CA ARG A 69 12.62 -4.40 3.53
C ARG A 69 11.14 -4.62 3.24
N THR A 70 10.72 -3.91 2.19
CA THR A 70 9.37 -3.42 1.82
C THR A 70 8.97 -2.44 2.93
N ASN A 71 8.09 -2.82 3.85
CA ASN A 71 7.57 -1.85 4.85
C ASN A 71 6.96 -2.61 6.02
N ILE A 72 6.69 -1.93 7.13
CA ILE A 72 5.94 -2.55 8.25
C ILE A 72 4.46 -2.58 7.79
N GLY A 73 4.01 -3.75 7.31
CA GLY A 73 2.68 -3.96 6.70
C GLY A 73 1.73 -4.64 7.66
N HIS A 74 2.13 -4.83 8.91
CA HIS A 74 1.25 -5.36 9.99
C HIS A 74 1.10 -4.31 11.10
N PRO A 75 -0.01 -4.37 11.86
CA PRO A 75 -0.18 -3.51 13.03
C PRO A 75 0.61 -4.02 14.24
N GLY A 76 1.33 -3.13 14.94
CA GLY A 76 1.83 -3.43 16.29
C GLY A 76 2.91 -2.48 16.77
N PRO A 77 3.44 -2.72 18.00
CA PRO A 77 4.45 -1.86 18.61
C PRO A 77 5.82 -2.07 17.95
N LEU A 78 6.63 -1.01 17.94
CA LEU A 78 8.08 -1.06 17.64
C LEU A 78 8.84 -1.05 18.99
N LEU A 79 9.84 -1.91 19.12
CA LEU A 79 10.72 -2.00 20.32
C LEU A 79 12.17 -2.13 19.86
N ALA A 80 13.09 -1.54 20.60
CA ALA A 80 14.54 -1.74 20.41
C ALA A 80 15.15 -2.13 21.77
N TYR A 81 16.12 -3.03 21.73
CA TYR A 81 16.94 -3.50 22.87
C TYR A 81 18.42 -3.43 22.50
N MET A 82 19.28 -3.28 23.52
CA MET A 82 20.74 -3.44 23.41
C MET A 82 21.26 -4.37 24.52
N ALA A 83 22.47 -4.87 24.33
CA ALA A 83 23.21 -5.80 25.21
C ALA A 83 24.71 -5.52 25.06
N LYS A 84 25.40 -5.21 26.18
CA LYS A 84 26.86 -4.98 26.24
C LYS A 84 27.53 -6.33 26.03
N ALA A 85 28.35 -6.43 24.98
CA ALA A 85 29.28 -7.57 24.72
C ALA A 85 30.47 -7.45 25.64
N PRO A 86 31.00 -8.58 26.18
CA PRO A 86 32.16 -8.55 27.06
C PRO A 86 33.46 -8.23 26.29
N GLY A 87 33.47 -8.47 24.98
CA GLY A 87 34.55 -8.06 24.05
C GLY A 87 33.99 -7.55 22.73
N ASP A 88 34.37 -8.19 21.61
CA ASP A 88 33.94 -7.83 20.23
C ASP A 88 32.48 -8.28 20.04
N ALA A 89 31.65 -7.42 19.46
CA ALA A 89 30.21 -7.68 19.20
C ALA A 89 30.09 -9.00 18.44
N SER A 90 30.96 -9.23 17.45
CA SER A 90 30.95 -10.43 16.55
C SER A 90 31.25 -11.73 17.33
N ASP A 91 31.72 -11.67 18.57
CA ASP A 91 32.01 -12.87 19.39
C ASP A 91 30.92 -13.03 20.44
N PHE A 92 29.94 -12.13 20.48
CA PHE A 92 28.92 -12.09 21.55
C PHE A 92 27.67 -12.86 21.08
N ASP A 93 27.24 -13.86 21.85
CA ASP A 93 26.02 -14.67 21.60
C ASP A 93 24.77 -13.99 22.16
N GLY A 94 24.90 -13.00 23.04
CA GLY A 94 23.72 -12.29 23.57
C GLY A 94 22.96 -13.16 24.56
N ASP A 95 23.63 -14.15 25.16
CA ASP A 95 23.05 -15.03 26.20
C ASP A 95 23.00 -14.33 27.55
N GLY A 96 22.17 -14.83 28.48
CA GLY A 96 22.09 -14.33 29.86
C GLY A 96 21.22 -13.08 29.94
N GLN A 97 21.07 -12.53 31.16
CA GLN A 97 20.27 -11.31 31.44
C GLN A 97 21.13 -10.09 31.07
N VAL A 98 21.19 -9.76 29.79
CA VAL A 98 22.13 -8.73 29.25
C VAL A 98 21.34 -7.69 28.46
N TRP A 99 20.06 -7.95 28.17
CA TRP A 99 19.24 -7.06 27.32
C TRP A 99 18.51 -5.99 28.16
N PHE A 100 18.53 -4.75 27.69
CA PHE A 100 17.73 -3.62 28.22
C PHE A 100 16.98 -2.97 27.07
N LYS A 101 15.80 -2.46 27.34
CA LYS A 101 14.98 -1.79 26.32
C LYS A 101 15.41 -0.31 26.25
N ILE A 102 15.65 0.20 25.05
CA ILE A 102 16.00 1.63 24.80
C ILE A 102 14.81 2.38 24.18
N TYR A 103 13.77 1.69 23.69
CA TYR A 103 12.65 2.29 22.89
C TYR A 103 11.43 1.36 22.84
N GLU A 104 10.25 1.99 22.79
CA GLU A 104 8.99 1.28 22.53
C GLU A 104 7.94 2.35 22.21
N ASP A 105 7.00 2.05 21.32
CA ASP A 105 5.87 2.95 21.04
C ASP A 105 4.60 2.18 21.32
N GLY A 106 3.48 2.86 21.20
CA GLY A 106 2.15 2.30 21.45
C GLY A 106 1.11 2.89 20.50
N PRO A 107 -0.14 2.38 20.53
CA PRO A 107 -1.12 2.73 19.53
C PRO A 107 -1.89 4.01 19.87
N THR A 108 -2.60 4.49 18.86
CA THR A 108 -3.59 5.58 18.93
C THR A 108 -4.98 4.97 18.72
N VAL A 109 -5.96 5.34 19.54
CA VAL A 109 -7.38 4.93 19.39
C VAL A 109 -8.06 5.86 18.38
N THR A 110 -8.46 5.30 17.23
CA THR A 110 -9.31 6.00 16.22
C THR A 110 -10.71 5.40 16.20
N ASP A 111 -11.59 6.07 15.46
CA ASP A 111 -12.86 5.56 14.86
C ASP A 111 -12.64 4.13 14.29
N ASP A 112 -11.70 3.94 13.35
CA ASP A 112 -11.44 2.67 12.62
C ASP A 112 -10.77 1.62 13.53
N GLY A 113 -10.49 1.90 14.81
CA GLY A 113 -9.70 1.02 15.72
C GLY A 113 -8.29 1.58 16.00
N LEU A 114 -7.33 0.71 16.35
CA LEU A 114 -5.93 1.14 16.65
C LEU A 114 -5.19 1.49 15.34
N THR A 115 -4.51 2.64 15.30
CA THR A 115 -3.44 2.95 14.33
C THR A 115 -2.12 2.87 15.10
N TRP A 116 -0.97 2.77 14.41
CA TRP A 116 0.36 2.55 15.05
C TRP A 116 1.42 3.46 14.42
N PRO A 117 2.37 4.03 15.20
CA PRO A 117 3.44 4.84 14.63
C PRO A 117 4.22 4.10 13.54
N SER A 118 4.24 2.77 13.56
CA SER A 118 5.05 1.94 12.62
C SER A 118 4.32 1.73 11.29
N ASP A 119 3.01 1.90 11.23
CA ASP A 119 2.17 1.50 10.07
C ASP A 119 2.81 2.03 8.79
N GLY A 120 3.12 1.14 7.83
CA GLY A 120 3.64 1.46 6.48
C GLY A 120 5.12 1.87 6.45
N ALA A 121 5.84 1.84 7.58
CA ALA A 121 7.19 2.45 7.73
C ALA A 121 8.22 1.75 6.81
N THR A 122 9.07 2.55 6.12
CA THR A 122 10.15 2.08 5.21
C THR A 122 11.50 2.20 5.90
N ASN A 123 11.55 2.98 6.97
CA ASN A 123 12.70 2.97 7.91
C ASN A 123 12.19 3.21 9.34
N VAL A 124 13.05 2.96 10.31
CA VAL A 124 12.74 3.11 11.77
C VAL A 124 14.02 3.69 12.33
N ASN A 125 13.95 4.50 13.38
CA ASN A 125 15.18 5.01 14.05
C ASN A 125 15.00 4.96 15.56
N PHE A 126 16.12 4.91 16.27
CA PHE A 126 16.22 4.95 17.74
C PHE A 126 17.35 5.90 18.11
N THR A 127 17.52 6.16 19.40
CA THR A 127 18.60 7.04 19.92
C THR A 127 19.39 6.29 20.98
N ILE A 128 20.65 5.98 20.71
CA ILE A 128 21.59 5.40 21.70
C ILE A 128 21.61 6.36 22.90
N PRO A 129 21.08 5.97 24.09
CA PRO A 129 21.08 6.87 25.26
C PRO A 129 22.45 7.53 25.47
N SER A 130 22.44 8.82 25.79
CA SER A 130 23.64 9.68 25.90
C SER A 130 24.55 9.23 27.04
N SER A 131 24.02 8.53 28.07
CA SER A 131 24.82 8.07 29.24
C SER A 131 25.34 6.64 29.06
N LEU A 132 24.99 5.94 27.98
CA LEU A 132 25.41 4.53 27.72
C LEU A 132 26.93 4.43 27.74
N PRO A 133 27.55 3.51 28.52
CA PRO A 133 29.01 3.39 28.59
C PRO A 133 29.68 2.87 27.30
N ASP A 134 30.94 3.24 27.10
CA ASP A 134 31.75 2.77 25.95
C ASP A 134 31.68 1.23 25.97
N GLY A 135 31.64 0.61 24.79
CA GLY A 135 31.55 -0.85 24.63
C GLY A 135 30.99 -1.26 23.27
N ASP A 136 31.07 -2.57 22.99
CA ASP A 136 30.44 -3.24 21.81
C ASP A 136 29.04 -3.72 22.30
N TYR A 137 28.00 -3.37 21.54
CA TYR A 137 26.61 -3.79 21.86
C TYR A 137 25.96 -4.51 20.67
N LEU A 138 25.02 -5.42 20.96
CA LEU A 138 23.99 -5.82 19.95
C LEU A 138 22.85 -4.79 20.05
N LEU A 139 22.31 -4.36 18.92
CA LEU A 139 21.11 -3.51 18.81
C LEU A 139 20.03 -4.35 18.13
N ARG A 140 19.08 -4.81 18.96
CA ARG A 140 17.93 -5.68 18.60
C ARG A 140 16.71 -4.79 18.35
N VAL A 141 16.26 -4.75 17.10
CA VAL A 141 15.04 -4.05 16.64
C VAL A 141 13.94 -5.10 16.47
N GLU A 142 12.74 -4.80 16.93
CA GLU A 142 11.60 -5.74 16.91
C GLU A 142 10.33 -4.97 16.59
N HIS A 143 9.56 -5.45 15.62
CA HIS A 143 8.11 -5.12 15.44
C HIS A 143 7.33 -6.38 15.80
N ILE A 144 6.36 -6.26 16.71
CA ILE A 144 5.41 -7.35 17.13
C ILE A 144 4.08 -7.08 16.42
N ALA A 145 3.81 -7.84 15.36
CA ALA A 145 2.55 -7.81 14.57
C ALA A 145 1.46 -8.53 15.37
N LEU A 146 0.27 -7.90 15.53
CA LEU A 146 -0.75 -8.34 16.54
C LEU A 146 -2.09 -8.68 15.88
N HIS A 147 -2.15 -8.68 14.55
CA HIS A 147 -3.37 -8.87 13.73
C HIS A 147 -3.97 -10.26 13.93
N GLY A 148 -3.15 -11.26 14.29
CA GLY A 148 -3.60 -12.61 14.67
C GLY A 148 -3.26 -12.98 16.12
N ALA A 149 -3.08 -11.99 17.00
CA ALA A 149 -2.51 -12.16 18.35
C ALA A 149 -3.60 -12.51 19.37
N GLY A 150 -4.86 -12.58 18.94
CA GLY A 150 -6.04 -12.93 19.76
C GLY A 150 -5.92 -14.33 20.35
N THR A 151 -5.24 -15.23 19.66
CA THR A 151 -5.03 -16.61 20.17
C THR A 151 -3.57 -16.74 20.60
N GLU A 152 -3.32 -17.67 21.51
CA GLU A 152 -1.98 -17.96 22.02
C GLU A 152 -1.18 -18.60 20.88
N GLY A 153 -0.01 -18.04 20.60
CA GLY A 153 0.85 -18.51 19.50
C GLY A 153 0.67 -17.65 18.25
N GLY A 154 -0.15 -16.60 18.32
CA GLY A 154 -0.62 -15.86 17.15
C GLY A 154 0.11 -14.55 16.89
N ALA A 155 0.72 -13.94 17.92
CA ALA A 155 1.60 -12.75 17.78
C ALA A 155 2.79 -13.11 16.88
N GLN A 156 3.23 -12.19 16.04
CA GLN A 156 4.37 -12.41 15.11
C GLN A 156 5.47 -11.43 15.50
N PHE A 157 6.72 -11.89 15.44
CA PHE A 157 7.93 -11.15 15.85
C PHE A 157 8.87 -11.02 14.65
N TYR A 158 9.14 -9.77 14.27
CA TYR A 158 10.01 -9.38 13.13
C TYR A 158 11.20 -8.61 13.72
N LEU A 159 12.39 -9.21 13.63
CA LEU A 159 13.60 -8.89 14.44
C LEU A 159 14.85 -8.86 13.56
N SER A 160 15.86 -8.15 14.03
CA SER A 160 17.27 -8.27 13.58
C SER A 160 18.19 -7.77 14.71
N CYS A 161 19.45 -8.22 14.73
CA CYS A 161 20.49 -7.71 15.66
C CYS A 161 21.62 -7.08 14.85
N GLY A 162 21.77 -5.77 15.04
CA GLY A 162 22.94 -5.01 14.56
C GLY A 162 24.07 -5.03 15.58
N GLN A 163 25.28 -4.76 15.13
CA GLN A 163 26.48 -4.68 16.00
C GLN A 163 26.98 -3.23 15.96
N VAL A 164 27.17 -2.63 17.13
CA VAL A 164 27.72 -1.25 17.20
C VAL A 164 28.82 -1.23 18.27
N SER A 165 29.77 -0.33 18.08
CA SER A 165 30.83 0.01 19.04
C SER A 165 30.62 1.47 19.47
N VAL A 166 30.37 1.66 20.75
CA VAL A 166 29.92 2.95 21.35
C VAL A 166 31.13 3.65 21.98
N THR A 167 31.27 4.94 21.65
CA THR A 167 32.25 5.90 22.22
C THR A 167 31.48 7.17 22.61
N GLY A 168 32.15 8.12 23.28
CA GLY A 168 31.53 9.35 23.83
C GLY A 168 30.49 8.99 24.88
N GLY A 169 30.76 7.93 25.63
CA GLY A 169 29.76 7.33 26.55
C GLY A 169 29.85 7.95 27.92
N GLY A 170 28.78 7.81 28.70
CA GLY A 170 28.67 8.32 30.08
C GLY A 170 28.75 7.17 31.07
N ASN A 171 28.12 7.34 32.24
CA ASN A 171 28.22 6.41 33.39
C ASN A 171 26.80 5.89 33.70
N GLY A 172 26.04 5.58 32.65
CA GLY A 172 24.74 4.93 32.79
C GLY A 172 24.89 3.49 33.25
N ASP A 173 23.96 3.03 34.07
CA ASP A 173 23.85 1.59 34.43
C ASP A 173 22.55 1.03 33.86
N PRO A 174 22.52 0.65 32.55
CA PRO A 174 21.33 0.07 31.96
C PRO A 174 20.73 -1.03 32.86
N ALA A 175 19.41 -1.00 32.97
CA ALA A 175 18.59 -1.88 33.84
C ALA A 175 17.14 -1.44 33.62
N PRO A 176 16.17 -2.33 33.87
CA PRO A 176 16.47 -3.70 34.26
C PRO A 176 16.99 -4.51 33.06
N LEU A 177 17.73 -5.61 33.33
CA LEU A 177 18.30 -6.54 32.31
C LEU A 177 17.48 -7.83 32.21
N VAL A 178 17.27 -8.33 30.99
CA VAL A 178 16.41 -9.50 30.75
C VAL A 178 17.07 -10.40 29.70
N ALA A 179 16.53 -11.61 29.49
CA ALA A 179 17.06 -12.59 28.53
C ALA A 179 16.07 -12.79 27.39
N PHE A 180 16.58 -13.07 26.20
CA PHE A 180 15.82 -13.59 25.04
C PHE A 180 16.36 -14.97 24.68
N PRO A 181 15.62 -16.08 24.89
CA PRO A 181 14.23 -16.04 25.38
C PRO A 181 14.19 -15.85 26.90
N GLY A 182 13.01 -15.50 27.44
CA GLY A 182 12.77 -15.36 28.89
C GLY A 182 12.01 -14.07 29.23
N ALA A 183 12.29 -12.98 28.54
CA ALA A 183 11.63 -11.68 28.74
C ALA A 183 10.14 -11.82 28.49
N TYR A 184 9.76 -12.52 27.44
CA TYR A 184 8.38 -12.57 26.94
C TYR A 184 7.77 -13.92 27.34
N ASP A 185 6.50 -13.90 27.75
CA ASP A 185 5.61 -15.07 27.96
C ASP A 185 4.45 -14.99 26.96
N PRO A 186 4.00 -16.09 26.32
CA PRO A 186 2.90 -16.02 25.36
C PRO A 186 1.52 -15.60 25.87
N THR A 187 1.30 -15.55 27.19
CA THR A 187 0.05 -15.03 27.81
C THR A 187 0.17 -13.53 28.20
N ASP A 188 1.33 -12.88 27.99
CA ASP A 188 1.61 -11.44 28.33
C ASP A 188 0.57 -10.52 27.69
N PRO A 189 0.09 -9.48 28.41
CA PRO A 189 -1.06 -8.70 27.93
C PRO A 189 -0.75 -7.87 26.67
N GLY A 190 0.54 -7.71 26.32
CA GLY A 190 1.00 -7.06 25.10
C GLY A 190 1.21 -8.03 23.94
N ILE A 191 1.10 -9.34 24.18
CA ILE A 191 1.36 -10.43 23.18
C ILE A 191 0.08 -11.20 22.86
N LEU A 192 -0.65 -11.61 23.89
CA LEU A 192 -1.96 -12.29 23.74
C LEU A 192 -3.04 -11.23 23.85
N ILE A 193 -3.57 -10.73 22.73
CA ILE A 193 -4.45 -9.53 22.77
C ILE A 193 -5.36 -9.52 21.52
N ASN A 194 -6.65 -9.27 21.72
CA ASN A 194 -7.60 -8.98 20.61
C ASN A 194 -7.57 -7.48 20.36
N ILE A 195 -6.90 -7.03 19.31
CA ILE A 195 -6.68 -5.57 19.09
C ILE A 195 -7.95 -4.95 18.49
N TYR A 196 -8.97 -5.75 18.12
CA TYR A 196 -10.15 -5.35 17.31
C TYR A 196 -11.46 -5.28 18.12
N TRP A 197 -11.92 -6.39 18.73
CA TRP A 197 -13.37 -6.71 18.99
C TRP A 197 -13.92 -5.95 20.17
N PRO A 198 -13.15 -5.90 21.30
CA PRO A 198 -13.08 -4.74 22.20
C PRO A 198 -11.79 -3.93 22.00
N VAL A 199 -11.90 -2.67 21.59
CA VAL A 199 -10.73 -1.85 21.18
C VAL A 199 -9.88 -1.53 22.41
N PRO A 200 -8.61 -2.00 22.51
CA PRO A 200 -7.80 -1.76 23.71
C PRO A 200 -7.67 -0.27 24.00
N THR A 201 -7.82 0.09 25.27
CA THR A 201 -7.77 1.47 25.78
C THR A 201 -6.36 1.77 26.32
N ASN A 202 -5.59 0.75 26.74
CA ASN A 202 -4.33 0.94 27.52
C ASN A 202 -3.34 -0.14 27.13
N TYR A 203 -3.10 -0.34 25.83
CA TYR A 203 -2.14 -1.35 25.33
C TYR A 203 -0.74 -1.08 25.87
N THR A 204 -0.11 -2.18 26.28
CA THR A 204 1.06 -2.32 27.16
C THR A 204 2.12 -3.17 26.44
N PRO A 205 3.12 -2.59 25.72
CA PRO A 205 4.08 -3.39 24.97
C PRO A 205 4.76 -4.32 25.97
N PRO A 206 5.03 -5.60 25.63
CA PRO A 206 5.61 -6.53 26.58
C PRO A 206 7.07 -6.20 26.91
N GLY A 207 7.62 -6.95 27.85
CA GLY A 207 9.04 -6.90 28.23
C GLY A 207 9.20 -5.86 29.32
N PRO A 208 10.45 -5.55 29.69
CA PRO A 208 10.73 -4.66 30.81
C PRO A 208 10.60 -3.18 30.42
N LYS A 209 10.60 -2.29 31.40
CA LYS A 209 10.43 -0.83 31.13
C LYS A 209 11.66 -0.32 30.35
N VAL A 210 11.50 0.86 29.75
CA VAL A 210 12.56 1.52 28.95
C VAL A 210 13.65 1.99 29.90
N TRP A 211 14.90 1.71 29.54
CA TRP A 211 16.05 2.36 30.19
C TRP A 211 16.38 3.67 29.44
N SER A 212 16.11 4.80 30.10
CA SER A 212 16.36 6.20 29.64
C SER A 212 17.75 6.65 30.12
N GLY A 213 18.21 6.18 31.28
CA GLY A 213 19.39 6.71 31.99
C GLY A 213 19.06 8.04 32.65
N HIC B 1 -2.04 12.45 -1.97
CA HIC B 1 -3.46 12.82 -1.68
C HIC B 1 -3.83 12.28 -0.30
O HIC B 1 -4.15 11.11 -0.13
CB HIC B 1 -4.35 12.33 -2.84
CG HIC B 1 -4.31 13.23 -4.03
ND1 HIC B 1 -3.11 13.71 -4.51
CD2 HIC B 1 -5.33 13.77 -4.76
CE1 HIC B 1 -3.40 14.50 -5.51
NE2 HIC B 1 -4.73 14.58 -5.73
CZ HIC B 1 -5.45 15.37 -6.73
H2 HIC B 1 -1.69 11.93 -1.24
H HIC B 1 -2.00 11.95 -2.73
H3 HIC B 1 -1.52 13.24 -2.06
HA HIC B 1 -3.51 13.80 -1.66
HB2 HIC B 1 -5.27 12.26 -2.52
HB3 HIC B 1 -4.06 11.43 -3.10
HD2 HIC B 1 -6.26 13.64 -4.64
HE1 HIC B 1 -2.75 14.95 -6.04
HZ1 HIC B 1 -4.94 16.17 -6.95
HZ2 HIC B 1 -6.32 15.63 -6.38
HZ3 HIC B 1 -5.57 14.85 -7.54
N TYR B 2 -3.72 13.14 0.73
CA TYR B 2 -4.06 12.79 2.10
C TYR B 2 -4.39 14.09 2.82
N VAL B 3 -5.13 14.00 3.93
CA VAL B 3 -5.46 15.15 4.83
C VAL B 3 -5.08 14.78 6.26
N PHE B 4 -4.82 15.81 7.07
CA PHE B 4 -4.63 15.75 8.54
C PHE B 4 -5.88 16.31 9.20
N PRO B 5 -6.91 15.46 9.45
CA PRO B 5 -8.23 15.94 9.88
C PRO B 5 -8.47 16.12 11.39
N ALA B 6 -7.59 15.62 12.26
CA ALA B 6 -7.88 15.53 13.70
C ALA B 6 -6.61 15.54 14.53
N LEU B 7 -6.63 16.28 15.63
CA LEU B 7 -5.52 16.24 16.61
C LEU B 7 -5.53 14.90 17.33
N VAL B 8 -4.39 14.54 17.92
CA VAL B 8 -4.24 13.31 18.74
C VAL B 8 -3.64 13.70 20.09
N GLN B 9 -4.32 13.34 21.16
CA GLN B 9 -3.85 13.67 22.52
C GLN B 9 -3.97 12.41 23.38
N ASP B 10 -2.90 12.09 24.12
CA ASP B 10 -2.96 11.06 25.18
C ASP B 10 -3.43 9.75 24.55
N GLY B 11 -2.79 9.36 23.43
CA GLY B 11 -2.99 8.09 22.71
C GLY B 11 -4.41 7.89 22.19
N ALA B 12 -5.15 8.97 21.87
CA ALA B 12 -6.48 8.87 21.21
C ALA B 12 -6.69 10.02 20.22
N ALA B 13 -7.44 9.75 19.17
CA ALA B 13 -7.86 10.73 18.15
C ALA B 13 -9.05 11.50 18.72
N THR B 14 -9.02 12.84 18.63
CA THR B 14 -10.20 13.73 18.80
C THR B 14 -10.98 13.68 17.48
N GLY B 15 -12.18 14.22 17.43
CA GLY B 15 -13.05 14.04 16.24
C GLY B 15 -12.46 14.74 15.03
N ASP B 16 -12.77 14.23 13.85
CA ASP B 16 -12.37 14.81 12.54
C ASP B 16 -12.82 16.29 12.48
N TRP B 17 -11.87 17.20 12.24
CA TRP B 17 -12.12 18.65 12.01
C TRP B 17 -12.68 19.33 13.26
N LYS B 18 -12.63 18.68 14.42
CA LYS B 18 -13.17 19.27 15.70
C LYS B 18 -12.22 20.39 16.17
N TYR B 19 -10.97 20.01 16.45
CA TYR B 19 -9.89 20.93 16.92
C TYR B 19 -8.95 21.29 15.78
N VAL B 20 -9.25 20.86 14.55
CA VAL B 20 -8.48 21.16 13.30
C VAL B 20 -9.42 21.85 12.31
N ARG B 21 -8.93 22.89 11.62
CA ARG B 21 -9.79 23.73 10.74
C ARG B 21 -10.02 23.02 9.41
N ASP B 22 -11.26 22.62 9.12
CA ASP B 22 -11.59 22.00 7.81
C ASP B 22 -11.37 23.06 6.73
N TRP B 23 -11.12 22.64 5.48
CA TRP B 23 -10.86 23.50 4.32
C TRP B 23 -11.73 23.10 3.11
N THR B 24 -12.15 24.11 2.36
CA THR B 24 -12.88 23.97 1.08
C THR B 24 -12.16 22.94 0.21
N GLY B 25 -12.84 21.82 -0.06
CA GLY B 25 -12.34 20.76 -0.97
C GLY B 25 -11.59 19.66 -0.24
N SER B 26 -11.70 19.60 1.08
CA SER B 26 -10.94 18.62 1.90
C SER B 26 -11.25 17.19 1.43
N TYR B 27 -12.50 16.93 1.02
CA TYR B 27 -13.02 15.58 0.66
C TYR B 27 -12.21 14.93 -0.48
N GLY B 28 -11.59 15.72 -1.37
CA GLY B 28 -10.81 15.25 -2.55
C GLY B 28 -9.30 15.16 -2.29
N ASN B 29 -8.83 15.63 -1.11
CA ASN B 29 -7.45 15.45 -0.59
C ASN B 29 -6.44 16.15 -1.50
N GLY B 30 -6.88 17.20 -2.19
CA GLY B 30 -6.10 17.95 -3.20
C GLY B 30 -4.89 18.65 -2.59
N PRO B 31 -3.75 18.67 -3.33
CA PRO B 31 -2.54 19.36 -2.89
C PRO B 31 -2.65 20.87 -2.99
N VAL B 32 -2.03 21.61 -2.09
CA VAL B 32 -1.72 23.05 -2.32
C VAL B 32 -0.48 23.09 -3.23
N GLU B 33 -0.52 23.88 -4.31
CA GLU B 33 0.51 23.89 -5.37
C GLU B 33 1.24 25.23 -5.43
N ASP B 34 0.68 26.27 -4.82
CA ASP B 34 1.18 27.65 -4.97
C ASP B 34 1.63 28.12 -3.59
N VAL B 35 2.92 28.20 -3.32
CA VAL B 35 3.42 28.67 -1.99
C VAL B 35 3.19 30.19 -1.83
N THR B 36 2.75 30.92 -2.88
CA THR B 36 2.43 32.38 -2.81
C THR B 36 0.95 32.60 -2.53
N SER B 37 0.18 31.52 -2.41
CA SER B 37 -1.29 31.54 -2.21
C SER B 37 -1.57 31.57 -0.72
N LEU B 38 -2.67 32.21 -0.30
CA LEU B 38 -3.19 32.14 1.10
C LEU B 38 -3.41 30.67 1.50
N ASP B 39 -3.61 29.76 0.56
CA ASP B 39 -3.88 28.33 0.85
C ASP B 39 -2.69 27.71 1.60
N ILE B 40 -1.48 28.24 1.44
CA ILE B 40 -0.27 27.64 2.08
C ILE B 40 -0.28 27.83 3.60
N ARG B 41 -1.16 28.66 4.16
CA ARG B 41 -1.14 28.92 5.60
C ARG B 41 -1.83 27.74 6.30
N CYS B 42 -3.15 27.62 6.09
CA CYS B 42 -4.05 26.61 6.73
C CYS B 42 -4.90 25.86 5.69
N ASN B 43 -4.54 25.94 4.41
CA ASN B 43 -5.27 25.30 3.28
C ASN B 43 -6.48 26.17 2.92
N LYS B 44 -7.31 25.72 1.98
CA LYS B 44 -8.18 26.65 1.22
C LYS B 44 -9.33 27.14 2.11
N ASP B 45 -9.31 28.44 2.41
CA ASP B 45 -10.39 29.23 3.07
C ASP B 45 -10.29 29.04 4.59
N ALA B 46 -9.27 28.31 5.07
CA ALA B 46 -9.19 27.90 6.49
C ALA B 46 -8.58 29.01 7.35
N SER B 47 -7.79 29.92 6.77
CA SER B 47 -7.00 30.93 7.53
C SER B 47 -7.92 31.96 8.18
N THR B 48 -8.91 32.46 7.43
CA THR B 48 -9.70 33.66 7.81
CA THR B 48 -9.74 33.65 7.80
C THR B 48 -10.07 33.57 9.31
N ASN B 49 -10.69 32.46 9.74
CA ASN B 49 -11.03 32.25 11.17
C ASN B 49 -11.35 30.76 11.45
N GLY B 50 -11.60 30.45 12.72
CA GLY B 50 -12.07 29.14 13.21
C GLY B 50 -13.39 29.29 13.95
N ASN B 51 -14.31 30.08 13.41
CA ASN B 51 -15.64 30.37 14.03
C ASN B 51 -16.36 29.04 14.34
N ALA B 52 -15.94 27.92 13.74
CA ALA B 52 -16.59 26.59 13.88
C ALA B 52 -15.55 25.53 14.22
N THR B 53 -14.45 25.91 14.87
CA THR B 53 -13.36 25.00 15.29
C THR B 53 -13.08 25.22 16.77
N GLU B 54 -12.77 24.13 17.49
CA GLU B 54 -12.49 24.16 18.95
C GLU B 54 -10.98 24.23 19.20
N THR B 55 -10.61 24.54 20.43
CA THR B 55 -9.22 24.79 20.88
C THR B 55 -8.89 23.73 21.93
N LEU B 56 -8.04 22.76 21.59
CA LEU B 56 -7.69 21.63 22.49
C LEU B 56 -6.73 22.13 23.56
N PRO B 57 -7.11 22.09 24.86
CA PRO B 57 -6.17 22.41 25.94
C PRO B 57 -4.98 21.43 25.96
N VAL B 58 -3.77 21.97 25.94
CA VAL B 58 -2.53 21.16 25.94
C VAL B 58 -1.58 21.77 26.95
N LYS B 59 -0.57 21.01 27.37
CA LYS B 59 0.53 21.44 28.28
C LYS B 59 1.80 21.65 27.43
N ALA B 60 2.61 22.67 27.78
CA ALA B 60 3.99 22.81 27.27
C ALA B 60 4.74 21.52 27.59
N GLY B 61 5.36 20.87 26.60
CA GLY B 61 6.12 19.62 26.77
C GLY B 61 5.38 18.42 26.21
N GLU B 62 4.07 18.56 26.00
CA GLU B 62 3.18 17.43 25.68
C GLU B 62 3.36 16.98 24.22
N GLU B 63 3.25 15.68 24.01
CA GLU B 63 3.20 15.01 22.68
C GLU B 63 1.78 15.20 22.13
N ILE B 64 1.62 16.12 21.18
CA ILE B 64 0.37 16.33 20.39
C ILE B 64 0.64 15.83 18.96
N GLY B 65 -0.31 15.08 18.41
CA GLY B 65 -0.22 14.51 17.06
C GLY B 65 -1.35 14.96 16.15
N PHE B 66 -1.36 14.44 14.91
CA PHE B 66 -2.52 14.47 14.00
C PHE B 66 -2.74 13.03 13.49
N THR B 67 -3.98 12.67 13.19
CA THR B 67 -4.27 11.50 12.33
C THR B 67 -3.98 11.93 10.90
N VAL B 68 -3.75 10.94 10.06
CA VAL B 68 -3.61 11.09 8.59
C VAL B 68 -4.79 10.33 7.98
N ARG B 69 -5.56 11.01 7.14
CA ARG B 69 -6.67 10.33 6.43
C ARG B 69 -6.07 9.58 5.26
N THR B 70 -6.14 8.26 5.44
CA THR B 70 -5.43 7.15 4.77
C THR B 70 -3.98 7.25 5.26
N ASN B 71 -3.05 7.77 4.46
CA ASN B 71 -1.62 7.69 4.84
C ASN B 71 -0.80 8.64 3.99
N ILE B 72 0.41 8.92 4.43
CA ILE B 72 1.33 9.75 3.64
C ILE B 72 1.84 8.81 2.53
N GLY B 73 1.29 8.95 1.31
CA GLY B 73 1.54 8.05 0.17
C GLY B 73 2.38 8.71 -0.89
N HIS B 74 3.02 9.83 -0.55
CA HIS B 74 4.02 10.54 -1.38
C HIS B 74 5.30 10.73 -0.56
N PRO B 75 6.47 10.70 -1.21
CA PRO B 75 7.75 10.87 -0.52
C PRO B 75 7.97 12.35 -0.18
N GLY B 76 8.49 12.61 1.03
CA GLY B 76 8.98 13.95 1.38
C GLY B 76 9.02 14.20 2.87
N PRO B 77 9.49 15.41 3.29
CA PRO B 77 9.65 15.78 4.69
C PRO B 77 8.33 16.21 5.36
N LEU B 78 8.26 15.94 6.66
CA LEU B 78 7.18 16.39 7.56
C LEU B 78 7.72 17.63 8.27
N LEU B 79 6.90 18.69 8.34
CA LEU B 79 7.24 19.92 9.10
C LEU B 79 6.06 20.30 9.99
N ALA B 80 6.32 20.92 11.14
CA ALA B 80 5.29 21.58 11.98
C ALA B 80 5.76 22.98 12.39
N TYR B 81 4.80 23.90 12.45
CA TYR B 81 4.94 25.31 12.84
C TYR B 81 3.80 25.67 13.80
N MET B 82 4.04 26.70 14.61
CA MET B 82 3.04 27.26 15.56
C MET B 82 3.00 28.79 15.40
N ALA B 83 1.97 29.42 15.97
CA ALA B 83 1.77 30.88 15.95
C ALA B 83 0.80 31.28 17.08
N LYS B 84 1.30 32.02 18.07
CA LYS B 84 0.56 32.61 19.22
C LYS B 84 -0.51 33.56 18.68
N ALA B 85 -1.76 33.26 19.00
CA ALA B 85 -2.94 34.08 18.66
C ALA B 85 -2.93 35.26 19.62
N PRO B 86 -3.22 36.50 19.18
CA PRO B 86 -3.38 37.62 20.11
C PRO B 86 -4.43 37.33 21.21
N GLY B 87 -5.48 36.57 20.87
CA GLY B 87 -6.61 36.24 21.77
C GLY B 87 -6.94 34.77 21.66
N ASP B 88 -8.19 34.45 21.33
CA ASP B 88 -8.70 33.06 21.13
C ASP B 88 -8.19 32.55 19.78
N ALA B 89 -7.68 31.32 19.76
CA ALA B 89 -7.24 30.63 18.54
C ALA B 89 -8.30 30.82 17.45
N SER B 90 -9.58 30.60 17.80
CA SER B 90 -10.73 30.61 16.86
C SER B 90 -10.96 31.98 16.21
N ASP B 91 -10.32 33.04 16.70
CA ASP B 91 -10.44 34.42 16.11
C ASP B 91 -9.20 34.72 15.24
N PHE B 92 -8.17 33.88 15.29
CA PHE B 92 -6.82 34.22 14.79
C PHE B 92 -6.69 33.78 13.33
N ASP B 93 -6.29 34.68 12.41
CA ASP B 93 -6.13 34.30 10.97
C ASP B 93 -4.68 33.88 10.66
N GLY B 94 -3.74 33.93 11.63
CA GLY B 94 -2.32 33.57 11.44
C GLY B 94 -1.61 34.43 10.39
N ASP B 95 -2.03 35.68 10.23
CA ASP B 95 -1.41 36.65 9.28
C ASP B 95 -0.12 37.21 9.89
N GLY B 96 0.75 37.75 9.05
CA GLY B 96 2.01 38.38 9.49
C GLY B 96 3.07 37.38 9.93
N GLN B 97 4.19 37.91 10.37
CA GLN B 97 5.41 37.16 10.75
C GLN B 97 5.19 36.59 12.16
N VAL B 98 4.46 35.46 12.27
CA VAL B 98 3.99 34.89 13.57
C VAL B 98 4.33 33.40 13.65
N TRP B 99 4.85 32.80 12.58
CA TRP B 99 5.01 31.33 12.46
C TRP B 99 6.45 30.94 12.77
N PHE B 100 6.65 30.02 13.72
CA PHE B 100 7.97 29.40 14.02
C PHE B 100 7.89 27.87 13.84
N LYS B 101 8.99 27.28 13.42
CA LYS B 101 9.12 25.83 13.16
C LYS B 101 9.41 25.11 14.49
N ILE B 102 8.66 24.07 14.81
CA ILE B 102 8.85 23.24 16.02
C ILE B 102 9.42 21.87 15.62
N TYR B 103 9.44 21.53 14.33
CA TYR B 103 9.81 20.18 13.81
C TYR B 103 10.08 20.21 12.31
N GLU B 104 11.09 19.44 11.89
CA GLU B 104 11.23 18.94 10.51
C GLU B 104 11.99 17.61 10.60
N ASP B 105 11.79 16.74 9.61
CA ASP B 105 12.60 15.52 9.41
C ASP B 105 13.21 15.59 8.02
N GLY B 106 13.83 14.51 7.57
CA GLY B 106 14.60 14.50 6.33
C GLY B 106 14.90 13.08 5.85
N PRO B 107 15.44 12.92 4.63
CA PRO B 107 15.40 11.63 3.97
C PRO B 107 16.59 10.77 4.41
N THR B 108 16.52 9.48 4.08
CA THR B 108 17.62 8.49 4.15
C THR B 108 18.07 8.15 2.73
N VAL B 109 19.37 8.24 2.47
CA VAL B 109 20.00 7.81 1.19
C VAL B 109 20.09 6.30 1.25
N THR B 110 19.40 5.61 0.35
CA THR B 110 19.51 4.14 0.16
C THR B 110 19.89 3.85 -1.28
N ASP B 111 20.12 2.55 -1.51
CA ASP B 111 20.26 1.86 -2.83
C ASP B 111 19.17 2.31 -3.82
N ASP B 112 17.88 2.07 -3.52
CA ASP B 112 16.73 2.34 -4.43
C ASP B 112 16.35 3.85 -4.46
N GLY B 113 17.18 4.76 -3.93
CA GLY B 113 16.90 6.21 -3.82
C GLY B 113 16.53 6.62 -2.39
N LEU B 114 15.79 7.72 -2.26
CA LEU B 114 15.48 8.29 -0.91
C LEU B 114 14.31 7.53 -0.29
N THR B 115 14.40 7.23 1.01
CA THR B 115 13.23 6.88 1.84
C THR B 115 13.02 8.04 2.78
N TRP B 116 11.85 8.10 3.43
CA TRP B 116 11.40 9.19 4.34
C TRP B 116 10.77 8.59 5.60
N PRO B 117 10.99 9.16 6.80
CA PRO B 117 10.34 8.65 8.01
C PRO B 117 8.80 8.77 7.93
N SER B 118 8.24 9.59 7.01
CA SER B 118 6.77 9.79 6.87
C SER B 118 6.15 8.70 5.99
N ASP B 119 6.95 8.00 5.19
CA ASP B 119 6.46 7.03 4.17
C ASP B 119 5.43 6.09 4.80
N GLY B 120 4.19 6.06 4.30
CA GLY B 120 3.09 5.17 4.75
C GLY B 120 2.41 5.61 6.06
N ALA B 121 2.82 6.73 6.64
CA ALA B 121 2.39 7.16 8.00
C ALA B 121 0.87 7.31 8.07
N THR B 122 0.22 6.71 9.08
CA THR B 122 -1.23 6.89 9.37
C THR B 122 -1.41 7.89 10.54
N ASN B 123 -0.30 8.33 11.11
CA ASN B 123 -0.33 9.29 12.24
C ASN B 123 1.06 9.93 12.34
N VAL B 124 1.08 11.16 12.86
CA VAL B 124 2.31 11.96 13.02
C VAL B 124 2.23 12.60 14.40
N ASN B 125 3.36 12.86 15.08
CA ASN B 125 3.39 13.46 16.44
C ASN B 125 4.48 14.53 16.53
N PHE B 126 4.24 15.55 17.35
CA PHE B 126 5.17 16.68 17.61
C PHE B 126 5.22 16.88 19.12
N THR B 127 6.20 17.62 19.60
CA THR B 127 6.29 17.97 21.03
C THR B 127 6.14 19.49 21.13
N ILE B 128 5.06 19.97 21.71
CA ILE B 128 4.96 21.39 22.12
C ILE B 128 6.18 21.68 23.01
N PRO B 129 7.05 22.62 22.65
CA PRO B 129 8.23 22.89 23.47
C PRO B 129 7.84 23.28 24.92
N SER B 130 8.61 22.79 25.89
CA SER B 130 8.34 22.92 27.36
C SER B 130 8.60 24.36 27.84
N SER B 131 9.25 25.22 27.06
CA SER B 131 9.44 26.66 27.40
C SER B 131 8.46 27.57 26.62
N LEU B 132 7.52 27.00 25.84
CA LEU B 132 6.48 27.82 25.15
C LEU B 132 5.62 28.57 26.18
N PRO B 133 5.50 29.92 26.06
CA PRO B 133 4.60 30.69 26.93
C PRO B 133 3.13 30.25 26.85
N ASP B 134 2.40 30.34 27.96
CA ASP B 134 0.93 30.11 27.95
C ASP B 134 0.34 30.94 26.80
N GLY B 135 -0.69 30.40 26.14
CA GLY B 135 -1.48 31.13 25.13
C GLY B 135 -2.22 30.22 24.18
N ASP B 136 -3.12 30.79 23.38
CA ASP B 136 -3.75 30.12 22.21
C ASP B 136 -2.75 30.18 21.04
N TYR B 137 -2.57 29.06 20.35
CA TYR B 137 -1.67 28.88 19.18
C TYR B 137 -2.41 28.11 18.09
N LEU B 138 -2.11 28.40 16.82
CA LEU B 138 -2.40 27.48 15.68
C LEU B 138 -1.21 26.51 15.57
N LEU B 139 -1.51 25.24 15.29
CA LEU B 139 -0.55 24.13 15.06
C LEU B 139 -0.70 23.71 13.60
N ARG B 140 0.29 24.07 12.78
CA ARG B 140 0.35 23.87 11.31
C ARG B 140 1.24 22.66 11.02
N VAL B 141 0.62 21.55 10.61
CA VAL B 141 1.28 20.31 10.14
C VAL B 141 1.36 20.40 8.62
N GLU B 142 2.50 20.02 8.03
CA GLU B 142 2.70 20.08 6.56
C GLU B 142 3.60 18.93 6.14
N HIS B 143 3.18 18.18 5.13
CA HIS B 143 4.01 17.19 4.40
C HIS B 143 4.18 17.75 3.00
N ILE B 144 5.42 17.86 2.52
CA ILE B 144 5.77 18.30 1.13
C ILE B 144 6.09 17.05 0.32
N ALA B 145 5.17 16.69 -0.58
CA ALA B 145 5.31 15.57 -1.53
C ALA B 145 6.22 16.07 -2.65
N LEU B 146 7.32 15.39 -2.91
CA LEU B 146 8.40 15.91 -3.79
C LEU B 146 8.56 15.04 -5.05
N HIS B 147 7.63 14.12 -5.28
CA HIS B 147 7.68 13.16 -6.41
C HIS B 147 7.69 13.88 -7.77
N GLY B 148 6.97 15.01 -7.92
CA GLY B 148 6.93 15.83 -9.15
C GLY B 148 7.55 17.22 -8.97
N ALA B 149 8.47 17.39 -8.02
CA ALA B 149 9.03 18.68 -7.60
C ALA B 149 10.24 19.06 -8.48
N GLY B 150 10.58 18.18 -9.43
CA GLY B 150 11.68 18.40 -10.38
C GLY B 150 11.49 19.67 -11.19
N THR B 151 10.26 20.11 -11.38
CA THR B 151 9.98 21.33 -12.15
C THR B 151 9.34 22.33 -11.19
N GLU B 152 9.45 23.59 -11.55
CA GLU B 152 9.00 24.70 -10.70
C GLU B 152 7.47 24.68 -10.65
N GLY B 153 6.93 24.65 -9.44
CA GLY B 153 5.47 24.56 -9.22
C GLY B 153 4.99 23.13 -9.22
N GLY B 154 5.89 22.15 -9.01
CA GLY B 154 5.56 20.71 -9.07
C GLY B 154 5.51 20.04 -7.70
N ALA B 155 6.24 20.58 -6.72
CA ALA B 155 6.08 20.21 -5.28
C ALA B 155 4.61 20.33 -4.88
N GLN B 156 4.16 19.46 -3.98
CA GLN B 156 2.77 19.43 -3.45
C GLN B 156 2.81 19.64 -1.93
N PHE B 157 1.75 20.23 -1.38
CA PHE B 157 1.67 20.68 0.04
C PHE B 157 0.35 20.14 0.62
N TYR B 158 0.49 19.23 1.59
CA TYR B 158 -0.64 18.65 2.35
C TYR B 158 -0.51 19.17 3.78
N LEU B 159 -1.50 19.94 4.23
CA LEU B 159 -1.38 20.66 5.51
C LEU B 159 -2.75 20.89 6.13
N SER B 160 -2.73 21.09 7.46
CA SER B 160 -3.88 21.51 8.28
C SER B 160 -3.38 22.42 9.40
N CYS B 161 -4.24 23.28 9.92
CA CYS B 161 -3.98 24.08 11.14
C CYS B 161 -4.87 23.59 12.29
N GLY B 162 -4.25 23.06 13.34
CA GLY B 162 -4.95 22.79 14.61
C GLY B 162 -5.01 24.05 15.49
N GLN B 163 -5.92 24.05 16.46
CA GLN B 163 -6.07 25.12 17.49
C GLN B 163 -5.86 24.46 18.85
N VAL B 164 -4.96 24.99 19.66
CA VAL B 164 -4.58 24.41 20.98
C VAL B 164 -4.41 25.57 21.95
N SER B 165 -4.85 25.43 23.19
CA SER B 165 -4.57 26.40 24.27
C SER B 165 -3.50 25.82 25.19
N VAL B 166 -2.41 26.53 25.40
CA VAL B 166 -1.26 26.04 26.22
C VAL B 166 -1.36 26.61 27.63
N THR B 167 -1.16 25.75 28.64
CA THR B 167 -0.86 26.11 30.05
C THR B 167 0.46 25.42 30.43
N GLY B 168 0.88 25.51 31.70
CA GLY B 168 2.16 24.94 32.19
C GLY B 168 3.33 25.44 31.38
N GLY B 169 3.24 26.67 30.85
CA GLY B 169 4.19 27.27 29.91
C GLY B 169 5.41 27.84 30.61
N GLY B 170 6.46 28.16 29.84
CA GLY B 170 7.74 28.72 30.30
C GLY B 170 7.91 30.13 29.76
N ASN B 171 9.15 30.61 29.59
CA ASN B 171 9.43 32.00 29.14
C ASN B 171 10.33 31.99 27.90
N GLY B 172 10.14 31.00 27.04
CA GLY B 172 10.85 30.89 25.75
C GLY B 172 10.45 32.02 24.83
N ASP B 173 11.31 32.32 23.86
CA ASP B 173 11.17 33.44 22.89
C ASP B 173 11.25 32.86 21.47
N PRO B 174 10.15 32.30 20.94
CA PRO B 174 10.19 31.59 19.67
C PRO B 174 10.72 32.50 18.57
N ALA B 175 11.81 32.07 17.93
CA ALA B 175 12.49 32.77 16.82
C ALA B 175 13.22 31.71 16.00
N PRO B 176 13.39 31.92 14.68
CA PRO B 176 12.88 33.11 13.99
C PRO B 176 11.40 32.93 13.60
N LEU B 177 10.75 34.06 13.31
CA LEU B 177 9.32 34.07 12.89
C LEU B 177 9.24 34.43 11.40
N VAL B 178 8.32 33.73 10.70
CA VAL B 178 8.07 33.82 9.24
C VAL B 178 6.58 33.90 8.99
N ALA B 179 6.21 34.30 7.77
CA ALA B 179 4.83 34.47 7.29
C ALA B 179 4.52 33.37 6.29
N PHE B 180 3.27 32.94 6.27
CA PHE B 180 2.67 32.00 5.30
C PHE B 180 1.45 32.68 4.67
N PRO B 181 1.45 33.03 3.36
CA PRO B 181 2.63 32.89 2.50
C PRO B 181 3.78 33.84 2.89
N GLY B 182 4.98 33.55 2.37
CA GLY B 182 6.19 34.40 2.45
C GLY B 182 7.43 33.61 2.86
N ALA B 183 7.26 32.56 3.66
CA ALA B 183 8.36 31.71 4.16
C ALA B 183 8.93 30.88 2.99
N TYR B 184 8.08 30.43 2.06
CA TYR B 184 8.53 29.57 0.94
C TYR B 184 8.61 30.36 -0.37
N ASP B 185 9.58 29.97 -1.19
CA ASP B 185 9.83 30.45 -2.56
C ASP B 185 9.78 29.24 -3.49
N PRO B 186 9.11 29.30 -4.65
CA PRO B 186 9.06 28.14 -5.54
C PRO B 186 10.43 27.67 -6.03
N THR B 187 11.48 28.50 -5.85
CA THR B 187 12.89 28.21 -6.23
C THR B 187 13.68 27.57 -5.07
N ASP B 188 13.17 27.56 -3.83
CA ASP B 188 13.86 27.00 -2.61
C ASP B 188 14.43 25.61 -2.94
N PRO B 189 15.64 25.27 -2.47
CA PRO B 189 16.27 23.99 -2.82
C PRO B 189 15.65 22.77 -2.11
N GLY B 190 14.82 23.02 -1.11
CA GLY B 190 13.97 22.00 -0.47
C GLY B 190 12.63 21.81 -1.16
N ILE B 191 12.30 22.66 -2.15
CA ILE B 191 10.99 22.69 -2.86
C ILE B 191 11.18 22.35 -4.34
N LEU B 192 12.12 23.03 -5.01
CA LEU B 192 12.48 22.81 -6.43
C LEU B 192 13.68 21.87 -6.49
N ILE B 193 13.43 20.59 -6.72
CA ILE B 193 14.45 19.53 -6.52
C ILE B 193 14.05 18.25 -7.24
N ASN B 194 15.05 17.58 -7.83
CA ASN B 194 14.92 16.23 -8.44
C ASN B 194 15.44 15.17 -7.46
N ILE B 195 14.52 14.44 -6.83
CA ILE B 195 14.82 13.49 -5.73
C ILE B 195 15.30 12.15 -6.31
N TYR B 196 15.20 11.95 -7.62
CA TYR B 196 15.57 10.70 -8.34
C TYR B 196 16.97 10.87 -8.95
N TRP B 197 17.13 11.95 -9.75
CA TRP B 197 18.22 12.39 -10.69
C TRP B 197 19.59 11.99 -10.20
N PRO B 198 20.49 12.90 -9.70
CA PRO B 198 21.52 12.50 -8.75
C PRO B 198 20.70 12.42 -7.47
N VAL B 199 20.83 11.31 -6.74
CA VAL B 199 20.10 11.08 -5.48
C VAL B 199 20.65 12.13 -4.51
N PRO B 200 19.85 13.17 -4.12
CA PRO B 200 20.31 14.22 -3.20
C PRO B 200 21.11 13.69 -2.01
N THR B 201 22.23 14.37 -1.77
CA THR B 201 23.22 14.15 -0.71
C THR B 201 22.71 14.69 0.63
N ASN B 202 22.22 15.94 0.67
CA ASN B 202 22.07 16.80 1.88
C ASN B 202 20.74 17.55 1.82
N TYR B 203 19.63 16.82 1.58
CA TYR B 203 18.31 17.44 1.42
C TYR B 203 18.04 18.38 2.59
N THR B 204 17.73 19.64 2.27
CA THR B 204 17.45 20.77 3.21
C THR B 204 15.95 21.08 3.20
N PRO B 205 15.15 20.74 4.25
CA PRO B 205 13.73 21.18 4.28
C PRO B 205 13.68 22.70 4.16
N PRO B 206 12.65 23.28 3.51
CA PRO B 206 12.55 24.72 3.36
C PRO B 206 12.11 25.36 4.68
N GLY B 207 12.05 26.71 4.71
CA GLY B 207 11.56 27.51 5.84
C GLY B 207 12.70 27.78 6.80
N PRO B 208 12.41 28.49 7.93
CA PRO B 208 13.39 28.80 8.97
C PRO B 208 13.85 27.64 9.86
N LYS B 209 14.95 27.84 10.63
CA LYS B 209 15.54 26.85 11.55
C LYS B 209 14.50 26.53 12.63
N VAL B 210 14.55 25.30 13.16
CA VAL B 210 13.67 24.80 14.25
C VAL B 210 13.93 25.65 15.51
N TRP B 211 12.88 26.15 16.16
CA TRP B 211 12.98 26.71 17.52
C TRP B 211 12.54 25.65 18.54
N SER B 212 13.31 25.42 19.61
CA SER B 212 13.00 24.42 20.67
C SER B 212 13.09 25.06 22.06
N GLY B 213 12.45 24.41 23.04
CA GLY B 213 12.23 24.96 24.40
C GLY B 213 12.11 23.87 25.46
N HIC C 1 1.96 7.49 -10.09
CA HIC C 1 3.34 7.42 -10.63
C HIC C 1 3.76 5.95 -10.76
O HIC C 1 4.16 5.31 -9.79
CB HIC C 1 4.27 8.25 -9.73
CG HIC C 1 4.15 9.71 -10.01
ND1 HIC C 1 2.90 10.30 -10.14
CD2 HIC C 1 5.12 10.64 -10.21
CE1 HIC C 1 3.14 11.57 -10.41
NE2 HIC C 1 4.48 11.84 -10.46
CZ HIC C 1 5.20 13.08 -10.72
H2 HIC C 1 1.66 6.61 -9.84
H HIC C 1 1.94 8.03 -9.37
H3 HIC C 1 1.38 7.82 -10.79
HA HIC C 1 3.34 7.83 -11.53
HB2 HIC C 1 5.19 7.96 -9.89
HB3 HIC C 1 4.05 8.07 -8.80
HD2 HIC C 1 6.06 10.50 -10.19
HE1 HIC C 1 2.47 12.21 -10.54
HZ1 HIC C 1 4.67 13.64 -11.31
HZ2 HIC C 1 6.05 12.88 -11.15
HZ3 HIC C 1 5.36 13.54 -9.88
N TYR C 2 3.56 5.44 -11.99
CA TYR C 2 3.94 4.10 -12.37
C TYR C 2 4.28 4.12 -13.87
N VAL C 3 5.03 3.11 -14.32
CA VAL C 3 5.30 2.86 -15.76
C VAL C 3 4.92 1.42 -16.12
N PHE C 4 4.73 1.17 -17.41
CA PHE C 4 4.46 -0.15 -17.99
C PHE C 4 5.71 -0.54 -18.78
N PRO C 5 6.73 -1.17 -18.15
CA PRO C 5 8.05 -1.34 -18.78
C PRO C 5 8.25 -2.55 -19.71
N ALA C 6 7.44 -3.60 -19.59
CA ALA C 6 7.72 -4.90 -20.23
C ALA C 6 6.44 -5.63 -20.63
N LEU C 7 6.46 -6.23 -21.82
CA LEU C 7 5.42 -7.19 -22.24
C LEU C 7 5.54 -8.48 -21.41
N VAL C 8 4.38 -9.06 -21.12
CA VAL C 8 4.22 -10.39 -20.47
C VAL C 8 3.66 -11.34 -21.53
N GLN C 9 4.30 -12.51 -21.69
CA GLN C 9 3.85 -13.58 -22.61
C GLN C 9 4.05 -14.96 -21.94
N ASP C 10 3.08 -15.85 -22.13
CA ASP C 10 3.11 -17.25 -21.64
C ASP C 10 3.60 -17.23 -20.19
N GLY C 11 2.97 -16.40 -19.36
CA GLY C 11 3.10 -16.37 -17.88
C GLY C 11 4.42 -15.82 -17.35
N ALA C 12 5.25 -15.15 -18.18
CA ALA C 12 6.52 -14.56 -17.71
C ALA C 12 6.73 -13.17 -18.31
N ALA C 13 7.52 -12.34 -17.63
CA ALA C 13 7.86 -10.99 -18.11
C ALA C 13 9.01 -11.17 -19.10
N THR C 14 9.06 -10.33 -20.14
CA THR C 14 10.26 -10.03 -20.96
C THR C 14 10.98 -8.90 -20.23
N GLY C 15 12.14 -8.49 -20.73
CA GLY C 15 13.03 -7.57 -19.99
C GLY C 15 12.49 -6.16 -20.08
N ASP C 16 12.68 -5.34 -19.03
CA ASP C 16 12.21 -3.95 -19.04
C ASP C 16 12.65 -3.24 -20.33
N TRP C 17 11.70 -2.69 -21.11
CA TRP C 17 11.90 -1.84 -22.33
C TRP C 17 12.52 -2.64 -23.47
N LYS C 18 12.48 -3.98 -23.43
CA LYS C 18 13.02 -4.85 -24.52
CA LYS C 18 13.03 -4.83 -24.52
C LYS C 18 12.10 -4.76 -25.74
N TYR C 19 10.83 -5.13 -25.56
CA TYR C 19 9.79 -5.06 -26.62
C TYR C 19 8.84 -3.91 -26.31
N VAL C 20 9.24 -2.98 -25.44
CA VAL C 20 8.44 -1.77 -25.10
C VAL C 20 9.33 -0.55 -25.33
N ARG C 21 8.76 0.48 -25.91
CA ARG C 21 9.52 1.69 -26.25
C ARG C 21 9.77 2.48 -24.97
N ASP C 22 11.02 2.54 -24.51
CA ASP C 22 11.38 3.39 -23.34
C ASP C 22 11.11 4.85 -23.72
N TRP C 23 10.85 5.71 -22.73
CA TRP C 23 10.52 7.13 -23.01
C TRP C 23 11.31 8.07 -22.09
N THR C 24 11.60 9.28 -22.59
CA THR C 24 12.43 10.29 -21.88
C THR C 24 11.77 10.60 -20.54
N GLY C 25 12.49 10.31 -19.45
CA GLY C 25 12.06 10.57 -18.07
C GLY C 25 11.33 9.38 -17.44
N SER C 26 11.41 8.18 -18.02
CA SER C 26 10.73 6.95 -17.52
C SER C 26 11.11 6.73 -16.05
N TYR C 27 12.30 7.13 -15.67
CA TYR C 27 12.84 6.88 -14.31
C TYR C 27 11.93 7.54 -13.28
N GLY C 28 11.33 8.70 -13.56
CA GLY C 28 10.54 9.51 -12.60
C GLY C 28 9.07 9.08 -12.52
N ASN C 29 8.63 8.26 -13.48
CA ASN C 29 7.26 7.69 -13.53
C ASN C 29 6.25 8.84 -13.76
N GLY C 30 6.68 9.89 -14.46
CA GLY C 30 5.88 11.11 -14.70
C GLY C 30 4.65 10.87 -15.58
N PRO C 31 3.50 11.50 -15.23
CA PRO C 31 2.29 11.44 -16.05
C PRO C 31 2.38 12.29 -17.32
N VAL C 32 1.74 11.84 -18.39
CA VAL C 32 1.34 12.74 -19.50
C VAL C 32 0.13 13.53 -18.98
N GLU C 33 0.11 14.85 -19.20
CA GLU C 33 -0.95 15.76 -18.67
C GLU C 33 -1.65 16.53 -19.80
N ASP C 34 -1.19 16.43 -21.05
CA ASP C 34 -1.66 17.24 -22.21
C ASP C 34 -2.05 16.24 -23.30
N VAL C 35 -3.36 15.94 -23.47
CA VAL C 35 -3.89 14.98 -24.49
C VAL C 35 -3.73 15.54 -25.92
N THR C 36 -3.29 16.80 -26.09
CA THR C 36 -2.96 17.36 -27.45
C THR C 36 -1.47 17.19 -27.75
N SER C 37 -0.68 16.76 -26.76
CA SER C 37 0.79 16.54 -26.88
C SER C 37 1.06 15.27 -27.66
N LEU C 38 2.16 15.22 -28.38
CA LEU C 38 2.66 13.97 -29.02
C LEU C 38 2.95 12.92 -27.94
N ASP C 39 3.19 13.34 -26.69
CA ASP C 39 3.39 12.44 -25.51
C ASP C 39 2.20 11.46 -25.33
N ILE C 40 0.97 11.85 -25.67
CA ILE C 40 -0.20 10.98 -25.39
C ILE C 40 -0.16 9.74 -26.28
N ARG C 41 0.68 9.68 -27.32
CA ARG C 41 0.74 8.52 -28.25
C ARG C 41 1.47 7.33 -27.60
N CYS C 42 2.79 7.45 -27.40
CA CYS C 42 3.68 6.39 -26.81
C CYS C 42 4.55 6.96 -25.67
N ASN C 43 4.22 8.16 -25.22
CA ASN C 43 4.92 8.89 -24.12
C ASN C 43 6.13 9.63 -24.68
N LYS C 44 6.86 10.37 -23.85
CA LYS C 44 7.76 11.45 -24.32
C LYS C 44 8.91 10.87 -25.17
N ASP C 45 8.87 11.18 -26.47
CA ASP C 45 9.97 10.97 -27.45
C ASP C 45 9.90 9.52 -27.96
N ALA C 46 8.88 8.76 -27.58
CA ALA C 46 8.81 7.31 -27.85
C ALA C 46 8.20 7.05 -29.22
N SER C 47 7.37 7.94 -29.74
CA SER C 47 6.61 7.69 -31.00
C SER C 47 7.57 7.60 -32.20
N THR C 48 8.62 8.43 -32.25
CA THR C 48 9.37 8.72 -33.51
C THR C 48 9.75 7.40 -34.17
N ASN C 49 10.32 6.46 -33.39
CA ASN C 49 10.60 5.08 -33.86
C ASN C 49 10.98 4.15 -32.71
N GLY C 50 11.22 2.88 -33.03
CA GLY C 50 11.92 1.89 -32.17
C GLY C 50 13.27 1.50 -32.75
N ASN C 51 14.08 2.50 -33.12
CA ASN C 51 15.56 2.40 -33.27
C ASN C 51 16.03 1.18 -32.48
N ALA C 52 15.81 1.19 -31.16
CA ALA C 52 16.36 0.21 -30.20
C ALA C 52 15.25 -0.50 -29.40
N THR C 53 14.11 -0.84 -30.03
CA THR C 53 13.03 -1.66 -29.43
C THR C 53 12.83 -2.88 -30.33
N GLU C 54 12.65 -4.06 -29.72
CA GLU C 54 12.38 -5.35 -30.42
C GLU C 54 10.87 -5.54 -30.49
N THR C 55 10.46 -6.42 -31.39
CA THR C 55 9.04 -6.74 -31.72
C THR C 55 8.79 -8.18 -31.25
N LEU C 56 7.82 -8.40 -30.34
CA LEU C 56 7.54 -9.75 -29.78
C LEU C 56 6.63 -10.51 -30.75
N PRO C 57 7.01 -11.73 -31.21
CA PRO C 57 6.08 -12.57 -31.98
C PRO C 57 4.94 -13.03 -31.08
N VAL C 58 3.73 -12.84 -31.56
CA VAL C 58 2.49 -13.21 -30.84
C VAL C 58 1.54 -13.82 -31.87
N LYS C 59 0.55 -14.57 -31.37
CA LYS C 59 -0.59 -15.11 -32.14
C LYS C 59 -1.80 -14.19 -31.95
N ALA C 60 -2.59 -13.94 -33.00
CA ALA C 60 -3.98 -13.48 -32.83
C ALA C 60 -4.70 -14.48 -31.93
N GLY C 61 -5.45 -14.01 -30.94
CA GLY C 61 -6.11 -14.84 -29.91
C GLY C 61 -5.37 -14.83 -28.58
N GLU C 62 -4.07 -14.53 -28.58
CA GLU C 62 -3.17 -14.73 -27.42
C GLU C 62 -3.34 -13.62 -26.37
N GLU C 63 -3.15 -13.96 -25.09
CA GLU C 63 -3.09 -13.01 -23.94
C GLU C 63 -1.72 -12.32 -23.90
N ILE C 64 -1.66 -11.04 -24.26
CA ILE C 64 -0.46 -10.17 -24.09
C ILE C 64 -0.76 -9.16 -22.99
N GLY C 65 0.22 -9.00 -22.11
CA GLY C 65 0.13 -8.19 -20.89
C GLY C 65 1.32 -7.28 -20.73
N PHE C 66 1.31 -6.47 -19.67
CA PHE C 66 2.45 -5.61 -19.28
C PHE C 66 2.67 -5.81 -17.77
N THR C 67 3.93 -5.79 -17.33
CA THR C 67 4.29 -5.54 -15.92
C THR C 67 3.92 -4.08 -15.63
N VAL C 68 3.65 -3.78 -14.37
CA VAL C 68 3.55 -2.38 -13.87
C VAL C 68 4.77 -2.17 -12.98
N ARG C 69 5.49 -1.05 -13.14
CA ARG C 69 6.61 -0.73 -12.23
C ARG C 69 6.03 -0.10 -10.97
N THR C 70 6.22 -0.87 -9.90
CA THR C 70 5.44 -1.01 -8.66
C THR C 70 3.98 -1.26 -9.04
N ASN C 71 3.08 -0.27 -9.05
CA ASN C 71 1.65 -0.63 -9.14
C ASN C 71 0.76 0.55 -9.57
N ILE C 72 -0.46 0.24 -9.94
CA ILE C 72 -1.46 1.28 -10.29
C ILE C 72 -2.00 1.82 -8.95
N GLY C 73 -1.42 2.93 -8.46
CA GLY C 73 -1.72 3.52 -7.15
C GLY C 73 -2.61 4.75 -7.26
N HIS C 74 -3.19 4.99 -8.44
CA HIS C 74 -4.23 6.01 -8.67
C HIS C 74 -5.49 5.34 -9.20
N PRO C 75 -6.67 5.90 -8.84
CA PRO C 75 -7.94 5.39 -9.33
C PRO C 75 -8.17 5.78 -10.79
N GLY C 76 -8.64 4.85 -11.62
CA GLY C 76 -9.14 5.15 -12.97
C GLY C 76 -9.22 3.93 -13.87
N PRO C 77 -9.65 4.12 -15.15
CA PRO C 77 -9.83 3.03 -16.10
C PRO C 77 -8.51 2.63 -16.81
N LEU C 78 -8.42 1.35 -17.15
CA LEU C 78 -7.33 0.78 -17.97
C LEU C 78 -7.88 0.64 -19.39
N LEU C 79 -7.04 0.87 -20.39
CA LEU C 79 -7.40 0.85 -21.83
C LEU C 79 -6.21 0.26 -22.58
N ALA C 80 -6.43 -0.40 -23.71
CA ALA C 80 -5.40 -0.85 -24.66
C ALA C 80 -5.89 -0.56 -26.08
N TYR C 81 -4.98 -0.07 -26.91
CA TYR C 81 -5.19 0.23 -28.34
C TYR C 81 -4.06 -0.44 -29.11
N MET C 82 -4.32 -0.66 -30.39
CA MET C 82 -3.35 -1.19 -31.35
C MET C 82 -3.43 -0.35 -32.62
N ALA C 83 -2.32 -0.28 -33.37
CA ALA C 83 -2.29 0.32 -34.71
C ALA C 83 -1.32 -0.46 -35.59
N LYS C 84 -1.76 -0.79 -36.81
CA LYS C 84 -0.98 -1.55 -37.82
C LYS C 84 0.12 -0.68 -38.44
N ALA C 85 1.37 -1.08 -38.25
CA ALA C 85 2.55 -0.53 -38.98
C ALA C 85 2.47 -0.93 -40.45
N PRO C 86 2.94 -0.10 -41.40
CA PRO C 86 3.00 -0.51 -42.80
C PRO C 86 4.13 -1.52 -43.02
N GLY C 87 5.18 -1.45 -42.18
CA GLY C 87 6.35 -2.33 -42.26
C GLY C 87 6.70 -2.89 -40.90
N ASP C 88 7.98 -2.82 -40.52
CA ASP C 88 8.46 -3.24 -39.18
C ASP C 88 7.91 -2.26 -38.14
N ALA C 89 7.50 -2.82 -36.99
CA ALA C 89 7.06 -2.10 -35.78
C ALA C 89 8.13 -1.07 -35.44
N SER C 90 9.41 -1.46 -35.49
CA SER C 90 10.57 -0.66 -35.00
C SER C 90 10.73 0.66 -35.79
N ASP C 91 10.03 0.87 -36.90
CA ASP C 91 10.07 2.23 -37.50
C ASP C 91 8.66 2.70 -37.87
N PHE C 92 7.66 2.18 -37.19
CA PHE C 92 6.31 2.78 -37.22
C PHE C 92 6.28 3.91 -36.18
N ASP C 93 5.77 5.10 -36.54
CA ASP C 93 5.64 6.24 -35.61
C ASP C 93 4.20 6.29 -35.08
N GLY C 94 3.29 5.47 -35.61
CA GLY C 94 1.88 5.44 -35.20
C GLY C 94 1.16 6.75 -35.44
N ASP C 95 1.50 7.47 -36.52
CA ASP C 95 0.83 8.75 -36.89
C ASP C 95 -0.49 8.48 -37.63
N GLY C 96 -1.33 9.51 -37.78
CA GLY C 96 -2.59 9.41 -38.54
C GLY C 96 -3.64 8.57 -37.81
N GLN C 97 -4.80 8.36 -38.45
CA GLN C 97 -5.96 7.64 -37.87
C GLN C 97 -5.74 6.13 -38.04
N VAL C 98 -5.02 5.52 -37.10
CA VAL C 98 -4.48 4.15 -37.20
C VAL C 98 -4.77 3.38 -35.90
N TRP C 99 -5.17 4.08 -34.84
CA TRP C 99 -5.34 3.47 -33.50
C TRP C 99 -6.75 2.93 -33.32
N PHE C 100 -6.87 1.67 -32.88
CA PHE C 100 -8.17 1.07 -32.46
C PHE C 100 -8.08 0.58 -31.01
N LYS C 101 -9.15 0.82 -30.25
CA LYS C 101 -9.31 0.29 -28.86
C LYS C 101 -9.61 -1.22 -28.93
N ILE C 102 -8.90 -2.01 -28.12
CA ILE C 102 -9.11 -3.49 -27.98
C ILE C 102 -9.65 -3.78 -26.58
N TYR C 103 -9.61 -2.80 -25.67
CA TYR C 103 -9.92 -3.03 -24.22
C TYR C 103 -10.19 -1.70 -23.51
N GLU C 104 -11.16 -1.76 -22.59
CA GLU C 104 -11.41 -0.69 -21.61
C GLU C 104 -12.11 -1.33 -20.40
N ASP C 105 -11.96 -0.65 -19.26
CA ASP C 105 -12.34 -0.97 -17.86
C ASP C 105 -13.38 0.04 -17.39
N GLY C 106 -14.16 -0.32 -16.38
CA GLY C 106 -15.22 0.53 -15.77
C GLY C 106 -15.17 0.47 -14.24
N PRO C 107 -15.66 1.49 -13.52
CA PRO C 107 -15.61 1.48 -12.06
C PRO C 107 -16.81 0.76 -11.42
N THR C 108 -16.65 0.34 -10.16
CA THR C 108 -17.72 -0.10 -9.23
C THR C 108 -18.11 1.04 -8.27
N VAL C 109 -19.41 1.21 -8.03
CA VAL C 109 -20.01 2.19 -7.07
C VAL C 109 -20.08 1.49 -5.72
N THR C 110 -19.29 1.92 -4.72
CA THR C 110 -19.29 1.36 -3.34
C THR C 110 -19.87 2.38 -2.37
N ASP C 111 -20.06 1.94 -1.12
CA ASP C 111 -20.30 2.79 0.08
C ASP C 111 -19.31 3.99 0.14
N ASP C 112 -18.04 3.77 -0.24
CA ASP C 112 -16.91 4.71 0.01
C ASP C 112 -16.49 5.47 -1.26
N GLY C 113 -17.26 5.43 -2.35
CA GLY C 113 -16.89 6.04 -3.64
C GLY C 113 -16.59 4.99 -4.70
N LEU C 114 -15.99 5.38 -5.82
CA LEU C 114 -15.66 4.42 -6.92
C LEU C 114 -14.44 3.58 -6.53
N THR C 115 -14.50 2.27 -6.75
CA THR C 115 -13.31 1.36 -6.81
C THR C 115 -13.10 1.01 -8.29
N TRP C 116 -11.88 0.53 -8.66
CA TRP C 116 -11.44 0.28 -10.05
C TRP C 116 -10.77 -1.10 -10.15
N PRO C 117 -10.97 -1.89 -11.25
CA PRO C 117 -10.30 -3.18 -11.41
C PRO C 117 -8.77 -3.06 -11.32
N SER C 118 -8.23 -1.90 -11.71
CA SER C 118 -6.76 -1.70 -11.82
C SER C 118 -6.15 -1.38 -10.45
N ASP C 119 -6.93 -0.91 -9.47
CA ASP C 119 -6.39 -0.47 -8.15
C ASP C 119 -5.36 -1.49 -7.67
N GLY C 120 -4.10 -1.08 -7.39
CA GLY C 120 -3.00 -1.90 -6.82
C GLY C 120 -2.30 -2.85 -7.79
N ALA C 121 -2.62 -2.80 -9.08
CA ALA C 121 -2.22 -3.86 -10.03
C ALA C 121 -0.71 -3.83 -10.26
N THR C 122 -0.07 -4.99 -10.14
CA THR C 122 1.37 -5.22 -10.43
C THR C 122 1.51 -5.63 -11.90
N ASN C 123 0.36 -5.89 -12.52
CA ASN C 123 0.27 -6.86 -13.62
C ASN C 123 -1.02 -6.56 -14.39
N VAL C 124 -0.97 -6.44 -15.72
CA VAL C 124 -2.16 -6.14 -16.58
C VAL C 124 -2.09 -7.01 -17.84
N ASN C 125 -3.23 -7.42 -18.38
CA ASN C 125 -3.34 -8.36 -19.52
C ASN C 125 -4.47 -7.92 -20.45
N PHE C 126 -4.25 -8.09 -21.75
CA PHE C 126 -5.23 -7.84 -22.83
C PHE C 126 -5.27 -9.10 -23.68
N THR C 127 -6.26 -9.24 -24.54
CA THR C 127 -6.34 -10.37 -25.49
C THR C 127 -6.31 -9.78 -26.90
N ILE C 128 -5.19 -9.97 -27.62
CA ILE C 128 -5.08 -9.70 -29.08
C ILE C 128 -6.29 -10.36 -29.74
N PRO C 129 -7.23 -9.62 -30.37
CA PRO C 129 -8.39 -10.25 -31.01
C PRO C 129 -8.06 -11.34 -32.04
N SER C 130 -8.91 -12.36 -32.17
CA SER C 130 -8.65 -13.58 -32.97
C SER C 130 -8.68 -13.30 -34.48
N SER C 131 -9.59 -12.46 -34.94
CA SER C 131 -9.72 -12.06 -36.36
C SER C 131 -8.59 -11.10 -36.82
N LEU C 132 -7.72 -10.61 -35.91
CA LEU C 132 -6.77 -9.52 -36.26
C LEU C 132 -5.82 -10.00 -37.36
N PRO C 133 -5.63 -9.20 -38.44
CA PRO C 133 -4.77 -9.61 -39.56
C PRO C 133 -3.27 -9.68 -39.22
N ASP C 134 -2.59 -10.63 -39.87
CA ASP C 134 -1.13 -10.79 -39.73
C ASP C 134 -0.55 -9.39 -39.92
N GLY C 135 0.47 -9.04 -39.17
CA GLY C 135 1.19 -7.77 -39.39
C GLY C 135 1.96 -7.35 -38.17
N ASP C 136 2.73 -6.29 -38.31
CA ASP C 136 3.41 -5.61 -37.19
C ASP C 136 2.45 -4.56 -36.63
N TYR C 137 2.36 -4.49 -35.30
CA TYR C 137 1.48 -3.55 -34.57
C TYR C 137 2.22 -2.90 -33.39
N LEU C 138 1.79 -1.70 -33.04
CA LEU C 138 2.08 -1.09 -31.71
C LEU C 138 0.90 -1.47 -30.81
N LEU C 139 1.19 -1.83 -29.56
CA LEU C 139 0.22 -2.08 -28.47
C LEU C 139 0.43 -0.99 -27.42
N ARG C 140 -0.56 -0.09 -27.27
CA ARG C 140 -0.56 1.10 -26.37
C ARG C 140 -1.46 0.80 -25.15
N VAL C 141 -0.83 0.64 -24.00
CA VAL C 141 -1.47 0.41 -22.68
C VAL C 141 -1.55 1.78 -22.03
N GLU C 142 -2.64 2.07 -21.35
CA GLU C 142 -2.91 3.41 -20.80
C GLU C 142 -3.78 3.22 -19.59
N HIS C 143 -3.35 3.74 -18.44
CA HIS C 143 -4.18 3.91 -17.24
C HIS C 143 -4.42 5.42 -17.06
N ILE C 144 -5.69 5.82 -16.91
CA ILE C 144 -6.06 7.26 -16.71
C ILE C 144 -6.37 7.47 -15.24
N ALA C 145 -5.45 8.14 -14.52
CA ALA C 145 -5.60 8.50 -13.10
C ALA C 145 -6.55 9.70 -13.02
N LEU C 146 -7.57 9.65 -12.15
CA LEU C 146 -8.73 10.60 -12.20
C LEU C 146 -8.91 11.36 -10.88
N HIS C 147 -8.08 11.03 -9.90
CA HIS C 147 -8.08 11.64 -8.54
C HIS C 147 -8.07 13.17 -8.62
N GLY C 148 -7.35 13.75 -9.59
CA GLY C 148 -7.29 15.21 -9.82
C GLY C 148 -8.00 15.64 -11.10
N ALA C 149 -8.89 14.82 -11.66
CA ALA C 149 -9.50 15.04 -13.00
C ALA C 149 -10.61 16.11 -12.92
N GLY C 150 -10.91 16.59 -11.71
CA GLY C 150 -12.03 17.50 -11.40
C GLY C 150 -11.92 18.79 -12.19
N THR C 151 -10.71 19.20 -12.54
CA THR C 151 -10.51 20.44 -13.35
C THR C 151 -9.79 20.07 -14.64
N GLU C 152 -9.83 20.98 -15.61
CA GLU C 152 -9.37 20.73 -16.99
C GLU C 152 -7.84 20.72 -16.93
N GLY C 153 -7.22 19.69 -17.51
CA GLY C 153 -5.76 19.49 -17.43
C GLY C 153 -5.35 18.73 -16.18
N GLY C 154 -6.29 18.21 -15.40
CA GLY C 154 -5.99 17.52 -14.12
C GLY C 154 -5.94 15.99 -14.25
N ALA C 155 -6.47 15.43 -15.33
CA ALA C 155 -6.42 13.98 -15.63
C ALA C 155 -4.95 13.63 -15.91
N GLN C 156 -4.48 12.49 -15.40
CA GLN C 156 -3.08 12.00 -15.60
C GLN C 156 -3.12 10.73 -16.46
N PHE C 157 -2.17 10.60 -17.41
CA PHE C 157 -2.15 9.53 -18.42
C PHE C 157 -0.80 8.82 -18.33
N TYR C 158 -0.84 7.54 -18.01
CA TYR C 158 0.33 6.66 -17.77
C TYR C 158 0.24 5.54 -18.80
N LEU C 159 1.24 5.44 -19.68
CA LEU C 159 1.09 4.64 -20.91
C LEU C 159 2.46 4.24 -21.47
N SER C 160 2.46 3.17 -22.28
CA SER C 160 3.65 2.68 -23.03
C SER C 160 3.16 2.04 -24.34
N CYS C 161 4.04 1.98 -25.34
CA CYS C 161 3.76 1.26 -26.61
C CYS C 161 4.69 0.06 -26.70
N GLY C 162 4.08 -1.12 -26.81
CA GLY C 162 4.78 -2.37 -27.17
C GLY C 162 4.84 -2.54 -28.67
N GLN C 163 5.80 -3.34 -29.13
CA GLN C 163 5.91 -3.78 -30.55
C GLN C 163 5.65 -5.29 -30.59
N VAL C 164 4.70 -5.70 -31.44
CA VAL C 164 4.34 -7.14 -31.60
C VAL C 164 4.20 -7.43 -33.09
N SER C 165 4.62 -8.62 -33.51
CA SER C 165 4.42 -9.14 -34.88
C SER C 165 3.39 -10.28 -34.80
N VAL C 166 2.24 -10.09 -35.45
CA VAL C 166 1.05 -10.98 -35.34
C VAL C 166 1.13 -12.04 -36.46
N THR C 167 0.82 -13.28 -36.12
CA THR C 167 0.57 -14.42 -37.05
C THR C 167 -0.64 -15.20 -36.52
N GLY C 168 -1.09 -16.23 -37.27
CA GLY C 168 -2.34 -16.97 -37.01
C GLY C 168 -3.56 -16.06 -37.12
N GLY C 169 -3.47 -15.02 -37.95
CA GLY C 169 -4.45 -13.91 -38.03
C GLY C 169 -5.58 -14.21 -39.00
N GLY C 170 -6.64 -13.40 -38.98
CA GLY C 170 -7.84 -13.58 -39.80
C GLY C 170 -8.09 -12.36 -40.68
N ASN C 171 -9.35 -12.13 -41.04
CA ASN C 171 -9.76 -11.11 -42.05
C ASN C 171 -10.66 -10.03 -41.40
N GLY C 172 -10.49 -9.78 -40.09
CA GLY C 172 -11.15 -8.69 -39.35
C GLY C 172 -10.68 -7.33 -39.81
N ASP C 173 -11.54 -6.31 -39.77
CA ASP C 173 -11.17 -4.92 -40.12
C ASP C 173 -11.33 -4.01 -38.90
N PRO C 174 -10.26 -3.70 -38.14
CA PRO C 174 -10.37 -2.83 -36.97
C PRO C 174 -11.00 -1.47 -37.27
N ALA C 175 -11.90 -1.02 -36.39
CA ALA C 175 -12.62 0.26 -36.51
C ALA C 175 -13.48 0.46 -35.27
N PRO C 176 -13.76 1.72 -34.90
CA PRO C 176 -13.25 2.85 -35.66
C PRO C 176 -11.76 3.09 -35.40
N LEU C 177 -11.11 3.81 -36.32
CA LEU C 177 -9.68 4.24 -36.20
C LEU C 177 -9.61 5.69 -35.71
N VAL C 178 -8.72 5.99 -34.76
CA VAL C 178 -8.47 7.38 -34.28
C VAL C 178 -6.97 7.64 -34.30
N ALA C 179 -6.60 8.89 -34.00
CA ALA C 179 -5.23 9.45 -33.94
C ALA C 179 -4.86 9.77 -32.49
N PHE C 180 -3.57 9.87 -32.18
CA PHE C 180 -3.06 10.29 -30.84
C PHE C 180 -1.84 11.17 -31.03
N PRO C 181 -1.93 12.49 -30.74
CA PRO C 181 -3.15 13.12 -30.20
C PRO C 181 -4.30 13.15 -31.23
N GLY C 182 -5.50 13.58 -30.80
CA GLY C 182 -6.72 13.74 -31.63
C GLY C 182 -7.95 13.00 -31.10
N ALA C 183 -7.75 11.84 -30.47
CA ALA C 183 -8.86 10.96 -30.02
C ALA C 183 -9.47 11.56 -28.76
N TYR C 184 -8.66 12.17 -27.90
CA TYR C 184 -9.12 12.70 -26.59
C TYR C 184 -9.13 14.24 -26.61
N ASP C 185 -10.24 14.85 -26.15
CA ASP C 185 -10.39 16.31 -25.86
C ASP C 185 -10.31 16.51 -24.34
N PRO C 186 -9.73 17.61 -23.82
CA PRO C 186 -9.62 17.75 -22.38
C PRO C 186 -10.97 17.98 -21.64
N THR C 187 -12.09 18.12 -22.36
CA THR C 187 -13.45 18.26 -21.76
C THR C 187 -14.26 16.97 -21.87
N ASP C 188 -13.76 15.90 -22.49
CA ASP C 188 -14.47 14.59 -22.58
C ASP C 188 -14.99 14.20 -21.20
N PRO C 189 -16.20 13.61 -21.09
CA PRO C 189 -16.78 13.24 -19.79
C PRO C 189 -16.06 12.09 -19.07
N GLY C 190 -15.24 11.34 -19.81
CA GLY C 190 -14.29 10.36 -19.24
C GLY C 190 -13.02 11.00 -18.70
N ILE C 191 -12.74 12.26 -19.05
CA ILE C 191 -11.41 12.92 -18.81
C ILE C 191 -11.57 14.08 -17.81
N LEU C 192 -12.56 14.92 -18.04
CA LEU C 192 -12.91 16.05 -17.13
C LEU C 192 -14.05 15.56 -16.23
N ILE C 193 -13.76 15.23 -14.96
CA ILE C 193 -14.75 14.53 -14.07
C ILE C 193 -14.33 14.61 -12.59
N ASN C 194 -15.30 14.97 -11.75
CA ASN C 194 -15.20 14.90 -10.28
C ASN C 194 -15.67 13.52 -9.83
N ILE C 195 -14.74 12.61 -9.51
CA ILE C 195 -15.05 11.20 -9.11
C ILE C 195 -15.49 11.13 -7.64
N TYR C 196 -15.63 12.26 -6.93
CA TYR C 196 -15.85 12.32 -5.45
C TYR C 196 -17.30 12.72 -5.09
N TRP C 197 -17.77 14.00 -5.17
CA TRP C 197 -18.93 14.48 -4.35
C TRP C 197 -20.26 14.06 -4.98
N PRO C 198 -20.47 14.22 -6.30
CA PRO C 198 -21.50 13.48 -7.00
C PRO C 198 -20.82 12.22 -7.52
N VAL C 199 -21.02 11.07 -6.90
CA VAL C 199 -20.25 9.84 -7.26
C VAL C 199 -20.76 9.38 -8.64
N PRO C 200 -19.91 9.35 -9.71
CA PRO C 200 -20.36 8.96 -11.05
C PRO C 200 -21.16 7.65 -11.07
N THR C 201 -22.30 7.69 -11.73
CA THR C 201 -23.25 6.55 -11.86
C THR C 201 -23.00 5.77 -13.16
N ASN C 202 -22.65 6.43 -14.26
CA ASN C 202 -22.44 5.80 -15.60
C ASN C 202 -21.14 6.31 -16.21
N TYR C 203 -20.01 6.19 -15.50
CA TYR C 203 -18.70 6.64 -16.03
C TYR C 203 -18.39 5.95 -17.35
N THR C 204 -18.03 6.73 -18.36
CA THR C 204 -17.74 6.31 -19.75
C THR C 204 -16.27 6.60 -20.09
N PRO C 205 -15.41 5.57 -20.27
CA PRO C 205 -14.04 5.80 -20.72
C PRO C 205 -14.05 6.64 -22.01
N PRO C 206 -13.01 7.48 -22.20
CA PRO C 206 -12.92 8.30 -23.39
C PRO C 206 -12.45 7.46 -24.59
N GLY C 207 -12.56 8.06 -25.77
CA GLY C 207 -12.03 7.50 -27.02
C GLY C 207 -13.13 6.68 -27.65
N PRO C 208 -12.80 5.95 -28.72
CA PRO C 208 -13.79 5.22 -29.52
C PRO C 208 -14.17 3.83 -28.98
N LYS C 209 -15.28 3.28 -29.51
CA LYS C 209 -15.81 1.92 -29.20
C LYS C 209 -14.66 0.91 -29.27
N VAL C 210 -14.72 -0.13 -28.43
CA VAL C 210 -13.89 -1.36 -28.55
C VAL C 210 -14.19 -2.01 -29.90
N TRP C 211 -13.16 -2.39 -30.65
CA TRP C 211 -13.27 -3.35 -31.78
C TRP C 211 -12.92 -4.75 -31.25
N SER C 212 -13.89 -5.68 -31.20
CA SER C 212 -13.72 -7.06 -30.66
C SER C 212 -13.29 -8.02 -31.76
N GLY C 213 -13.82 -7.85 -32.98
CA GLY C 213 -13.60 -8.78 -34.10
C GLY C 213 -14.64 -8.60 -35.19
N HIC D 1 -4.93 -10.60 5.16
CA HIC D 1 -6.06 -10.34 6.08
C HIC D 1 -7.06 -9.44 5.37
O HIC D 1 -6.89 -8.22 5.32
CB HIC D 1 -5.53 -9.77 7.42
CG HIC D 1 -5.05 -10.84 8.34
ND1 HIC D 1 -4.02 -11.68 7.95
CD2 HIC D 1 -5.49 -11.21 9.57
CE1 HIC D 1 -3.85 -12.52 8.94
NE2 HIC D 1 -4.70 -12.29 9.98
CZ HIC D 1 -4.86 -13.00 11.24
H2 HIC D 1 -4.95 -9.97 4.44
H HIC D 1 -4.15 -10.50 5.60
H3 HIC D 1 -5.01 -11.49 4.80
HA HIC D 1 -6.51 -11.21 6.27
HB2 HIC D 1 -6.25 -9.27 7.85
HB3 HIC D 1 -4.81 -9.14 7.23
HD2 HIC D 1 -6.19 -10.82 10.07
HE1 HIC D 1 -3.19 -13.19 8.95
HZ1 HIC D 1 -4.59 -13.93 11.13
HZ2 HIC D 1 -5.78 -12.96 11.53
HZ3 HIC D 1 -4.29 -12.58 11.91
N TYR D 2 -8.04 -10.07 4.71
CA TYR D 2 -9.08 -9.40 3.92
C TYR D 2 -10.29 -10.36 3.87
N VAL D 3 -11.46 -9.79 3.61
CA VAL D 3 -12.72 -10.58 3.49
C VAL D 3 -13.45 -10.11 2.26
N PHE D 4 -14.33 -10.97 1.75
CA PHE D 4 -15.18 -10.69 0.58
C PHE D 4 -16.59 -10.50 1.09
N PRO D 5 -16.99 -9.26 1.47
CA PRO D 5 -18.28 -8.99 2.10
C PRO D 5 -19.52 -8.89 1.21
N ALA D 6 -19.35 -8.48 -0.06
CA ALA D 6 -20.48 -8.04 -0.91
C ALA D 6 -20.36 -8.56 -2.33
N LEU D 7 -21.49 -8.89 -2.93
CA LEU D 7 -21.60 -9.09 -4.40
C LEU D 7 -21.60 -7.72 -5.09
N VAL D 8 -21.02 -7.72 -6.28
CA VAL D 8 -20.96 -6.59 -7.23
C VAL D 8 -21.77 -6.98 -8.46
N GLN D 9 -22.75 -6.17 -8.85
CA GLN D 9 -23.61 -6.43 -10.04
C GLN D 9 -23.88 -5.11 -10.78
N ASP D 10 -23.78 -5.16 -12.12
CA ASP D 10 -24.11 -4.02 -13.03
C ASP D 10 -23.41 -2.77 -12.52
N GLY D 11 -22.11 -2.87 -12.23
CA GLY D 11 -21.28 -1.70 -11.92
C GLY D 11 -21.38 -1.19 -10.48
N ALA D 12 -22.14 -1.83 -9.59
CA ALA D 12 -22.31 -1.33 -8.20
C ALA D 12 -22.31 -2.49 -7.19
N ALA D 13 -21.90 -2.17 -5.97
CA ALA D 13 -21.80 -3.14 -4.86
C ALA D 13 -23.17 -3.18 -4.17
N THR D 14 -23.54 -4.37 -3.69
CA THR D 14 -24.75 -4.63 -2.89
C THR D 14 -24.32 -4.45 -1.42
N GLY D 15 -25.22 -4.62 -0.46
CA GLY D 15 -24.88 -4.36 0.95
C GLY D 15 -23.85 -5.34 1.46
N ASP D 16 -22.92 -4.90 2.31
CA ASP D 16 -21.95 -5.82 2.95
C ASP D 16 -22.74 -6.97 3.62
N TRP D 17 -22.49 -8.23 3.23
CA TRP D 17 -23.05 -9.47 3.84
C TRP D 17 -24.54 -9.58 3.57
N LYS D 18 -25.09 -8.83 2.61
CA LYS D 18 -26.55 -8.86 2.24
C LYS D 18 -26.85 -10.13 1.44
N TYR D 19 -26.12 -10.34 0.33
CA TYR D 19 -26.23 -11.51 -0.57
C TYR D 19 -25.02 -12.42 -0.40
N VAL D 20 -24.19 -12.16 0.62
CA VAL D 20 -23.01 -13.01 0.98
C VAL D 20 -23.16 -13.43 2.43
N ARG D 21 -22.91 -14.70 2.72
CA ARG D 21 -23.05 -15.27 4.09
C ARG D 21 -21.96 -14.69 5.00
N ASP D 22 -22.33 -13.87 5.99
CA ASP D 22 -21.35 -13.45 7.01
C ASP D 22 -20.88 -14.69 7.78
N TRP D 23 -19.66 -14.66 8.33
CA TRP D 23 -19.05 -15.78 9.10
C TRP D 23 -18.49 -15.28 10.43
N THR D 24 -18.44 -16.18 11.42
CA THR D 24 -17.98 -15.88 12.80
C THR D 24 -16.52 -15.45 12.78
N GLY D 25 -16.22 -14.19 13.14
CA GLY D 25 -14.87 -13.62 13.18
C GLY D 25 -14.56 -12.84 11.92
N SER D 26 -15.56 -12.48 11.12
CA SER D 26 -15.30 -11.73 9.86
C SER D 26 -14.66 -10.38 10.19
N TYR D 27 -14.92 -9.87 11.38
CA TYR D 27 -14.42 -8.55 11.80
C TYR D 27 -12.90 -8.55 11.86
N GLY D 28 -12.24 -9.71 12.07
CA GLY D 28 -10.79 -9.85 12.32
C GLY D 28 -10.00 -10.33 11.08
N ASN D 29 -10.72 -10.66 10.00
CA ASN D 29 -10.19 -10.89 8.63
C ASN D 29 -9.28 -12.14 8.62
N GLY D 30 -9.49 -13.08 9.54
CA GLY D 30 -8.60 -14.22 9.81
C GLY D 30 -8.67 -15.29 8.71
N PRO D 31 -7.52 -15.90 8.37
CA PRO D 31 -7.48 -16.96 7.35
C PRO D 31 -8.12 -18.26 7.80
N VAL D 32 -8.66 -19.04 6.88
CA VAL D 32 -8.81 -20.50 7.12
C VAL D 32 -7.43 -21.12 6.88
N GLU D 33 -7.00 -22.02 7.75
CA GLU D 33 -5.63 -22.61 7.78
C GLU D 33 -5.65 -24.14 7.68
N ASP D 34 -6.84 -24.75 7.77
CA ASP D 34 -7.02 -26.22 7.75
C ASP D 34 -8.03 -26.55 6.66
N VAL D 35 -7.57 -27.14 5.54
CA VAL D 35 -8.40 -27.46 4.34
C VAL D 35 -9.32 -28.67 4.62
N THR D 36 -9.17 -29.35 5.77
CA THR D 36 -10.06 -30.48 6.19
C THR D 36 -11.21 -29.95 7.03
N SER D 37 -11.21 -28.67 7.37
CA SER D 37 -12.19 -28.05 8.29
C SER D 37 -13.44 -27.66 7.51
N LEU D 38 -14.63 -27.71 8.14
CA LEU D 38 -15.89 -27.24 7.49
C LEU D 38 -15.72 -25.75 7.11
N ASP D 39 -14.78 -25.05 7.77
CA ASP D 39 -14.46 -23.62 7.52
C ASP D 39 -14.15 -23.41 6.03
N ILE D 40 -13.58 -24.40 5.33
CA ILE D 40 -13.09 -24.20 3.92
C ILE D 40 -14.26 -24.09 2.92
N ARG D 41 -15.49 -24.41 3.28
CA ARG D 41 -16.63 -24.32 2.33
C ARG D 41 -17.02 -22.84 2.15
N CYS D 42 -17.56 -22.23 3.21
CA CYS D 42 -18.12 -20.84 3.24
C CYS D 42 -17.56 -20.01 4.39
N ASN D 43 -16.49 -20.48 5.01
CA ASN D 43 -15.86 -19.82 6.16
C ASN D 43 -16.69 -20.13 7.41
N LYS D 44 -16.24 -19.65 8.56
CA LYS D 44 -16.55 -20.32 9.86
C LYS D 44 -18.03 -20.14 10.18
N ASP D 45 -18.76 -21.28 10.30
CA ASP D 45 -20.15 -21.37 10.82
C ASP D 45 -21.11 -20.97 9.68
N ALA D 46 -20.62 -20.71 8.48
CA ALA D 46 -21.40 -20.03 7.44
C ALA D 46 -22.07 -21.05 6.52
N SER D 47 -21.64 -22.30 6.53
CA SER D 47 -22.19 -23.32 5.60
C SER D 47 -23.64 -23.62 6.01
N THR D 48 -23.87 -23.71 7.32
CA THR D 48 -25.03 -24.45 7.89
C THR D 48 -26.30 -24.05 7.11
N ASN D 49 -26.55 -22.74 6.98
CA ASN D 49 -27.59 -22.21 6.07
C ASN D 49 -27.31 -20.73 5.79
N GLY D 50 -28.15 -20.09 4.98
CA GLY D 50 -28.23 -18.62 4.84
C GLY D 50 -29.57 -18.10 5.35
N ASN D 51 -29.95 -18.58 6.55
CA ASN D 51 -31.00 -18.11 7.49
C ASN D 51 -31.36 -16.64 7.21
N ALA D 52 -30.36 -15.76 7.26
CA ALA D 52 -30.51 -14.29 7.14
C ALA D 52 -29.55 -13.76 6.07
N THR D 53 -29.42 -14.50 4.96
CA THR D 53 -28.70 -14.06 3.75
C THR D 53 -29.69 -14.07 2.59
N GLU D 54 -29.64 -13.03 1.76
CA GLU D 54 -30.54 -12.86 0.61
C GLU D 54 -29.91 -13.52 -0.63
N THR D 55 -30.71 -13.68 -1.68
CA THR D 55 -30.33 -14.36 -2.93
C THR D 55 -30.46 -13.33 -4.06
N LEU D 56 -29.34 -12.96 -4.68
CA LEU D 56 -29.29 -11.97 -5.80
C LEU D 56 -29.70 -12.67 -7.10
N PRO D 57 -30.77 -12.22 -7.79
CA PRO D 57 -31.10 -12.80 -9.09
C PRO D 57 -30.04 -12.36 -10.10
N VAL D 58 -29.49 -13.31 -10.85
CA VAL D 58 -28.49 -13.01 -11.91
C VAL D 58 -28.88 -13.81 -13.15
N LYS D 59 -28.23 -13.49 -14.29
CA LYS D 59 -28.39 -14.18 -15.59
C LYS D 59 -27.17 -15.05 -15.87
N ALA D 60 -27.37 -16.15 -16.60
CA ALA D 60 -26.26 -16.94 -17.18
C ALA D 60 -25.53 -16.03 -18.18
N GLY D 61 -24.20 -16.03 -18.13
CA GLY D 61 -23.35 -15.18 -18.98
C GLY D 61 -22.96 -13.86 -18.32
N GLU D 62 -23.54 -13.54 -17.15
CA GLU D 62 -23.40 -12.22 -16.48
C GLU D 62 -22.13 -12.21 -15.61
N GLU D 63 -21.41 -11.11 -15.67
CA GLU D 63 -20.25 -10.80 -14.81
C GLU D 63 -20.76 -10.49 -13.41
N ILE D 64 -20.46 -11.35 -12.44
CA ILE D 64 -20.75 -11.15 -11.00
C ILE D 64 -19.45 -11.15 -10.21
N GLY D 65 -19.32 -10.18 -9.31
CA GLY D 65 -18.09 -9.95 -8.56
C GLY D 65 -18.32 -9.82 -7.07
N PHE D 66 -17.25 -9.51 -6.37
CA PHE D 66 -17.23 -9.26 -4.90
C PHE D 66 -16.37 -8.01 -4.69
N THR D 67 -16.74 -7.20 -3.69
CA THR D 67 -15.86 -6.17 -3.11
C THR D 67 -14.80 -6.93 -2.31
N VAL D 68 -13.69 -6.27 -2.00
CA VAL D 68 -12.62 -6.84 -1.13
C VAL D 68 -12.50 -5.89 0.05
N ARG D 69 -12.60 -6.39 1.28
CA ARG D 69 -12.53 -5.46 2.44
C ARG D 69 -11.06 -5.12 2.63
N THR D 70 -10.82 -3.89 2.16
CA THR D 70 -9.54 -3.21 1.89
C THR D 70 -8.98 -3.88 0.64
N ASN D 71 -8.10 -4.86 0.70
CA ASN D 71 -7.49 -5.33 -0.56
C ASN D 71 -6.78 -6.67 -0.38
N ILE D 72 -6.45 -7.30 -1.51
CA ILE D 72 -5.68 -8.55 -1.50
C ILE D 72 -4.21 -8.19 -1.29
N GLY D 73 -3.73 -8.27 -0.04
CA GLY D 73 -2.39 -7.83 0.37
C GLY D 73 -1.50 -9.01 0.62
N HIS D 74 -1.84 -10.17 0.06
CA HIS D 74 -0.98 -11.38 0.06
C HIS D 74 -0.87 -11.90 -1.36
N PRO D 75 0.27 -12.53 -1.71
CA PRO D 75 0.42 -13.18 -3.02
C PRO D 75 -0.36 -14.48 -3.09
N GLY D 76 -1.05 -14.70 -4.21
CA GLY D 76 -1.64 -16.02 -4.53
C GLY D 76 -2.67 -15.94 -5.64
N PRO D 77 -3.22 -17.11 -6.05
CA PRO D 77 -4.26 -17.20 -7.07
C PRO D 77 -5.71 -16.94 -6.58
N LEU D 78 -6.50 -16.26 -7.39
CA LEU D 78 -7.96 -16.12 -7.19
C LEU D 78 -8.65 -17.34 -7.77
N LEU D 79 -9.61 -17.93 -7.07
CA LEU D 79 -10.48 -19.01 -7.59
C LEU D 79 -11.94 -18.71 -7.22
N ALA D 80 -12.89 -19.17 -8.03
CA ALA D 80 -14.33 -19.14 -7.75
C ALA D 80 -14.93 -20.50 -8.11
N TYR D 81 -15.84 -20.98 -7.26
CA TYR D 81 -16.66 -22.19 -7.50
C TYR D 81 -18.12 -21.87 -7.29
N MET D 82 -18.99 -22.75 -7.80
CA MET D 82 -20.45 -22.68 -7.60
C MET D 82 -20.98 -24.07 -7.25
N ALA D 83 -22.15 -24.13 -6.63
CA ALA D 83 -22.88 -25.38 -6.35
C ALA D 83 -24.39 -25.13 -6.44
N LYS D 84 -25.11 -25.97 -7.21
CA LYS D 84 -26.57 -25.89 -7.39
C LYS D 84 -27.20 -26.32 -6.06
N ALA D 85 -28.09 -25.49 -5.50
CA ALA D 85 -28.97 -25.83 -4.36
C ALA D 85 -30.20 -26.60 -4.86
N PRO D 86 -30.62 -27.69 -4.19
CA PRO D 86 -31.84 -28.41 -4.54
C PRO D 86 -33.09 -27.51 -4.57
N GLY D 87 -33.21 -26.57 -3.63
CA GLY D 87 -34.27 -25.55 -3.67
C GLY D 87 -33.67 -24.17 -3.50
N ASP D 88 -33.99 -23.54 -2.38
CA ASP D 88 -33.67 -22.14 -2.04
C ASP D 88 -32.22 -22.07 -1.55
N ALA D 89 -31.41 -21.13 -2.09
CA ALA D 89 -29.99 -20.99 -1.70
C ALA D 89 -29.90 -20.91 -0.17
N SER D 90 -30.78 -20.13 0.48
CA SER D 90 -30.79 -19.89 1.96
C SER D 90 -30.95 -21.19 2.75
N ASP D 91 -31.50 -22.24 2.13
CA ASP D 91 -31.77 -23.55 2.77
C ASP D 91 -30.61 -24.50 2.50
N PHE D 92 -29.59 -24.08 1.74
CA PHE D 92 -28.56 -25.00 1.18
C PHE D 92 -27.28 -24.95 2.03
N ASP D 93 -26.70 -26.10 2.38
CA ASP D 93 -25.50 -26.15 3.25
C ASP D 93 -24.23 -26.49 2.44
N GLY D 94 -24.34 -26.65 1.12
CA GLY D 94 -23.20 -26.83 0.20
C GLY D 94 -22.44 -28.13 0.43
N ASP D 95 -23.08 -29.12 1.07
CA ASP D 95 -22.47 -30.43 1.44
C ASP D 95 -22.40 -31.38 0.23
N GLY D 96 -21.51 -32.38 0.29
CA GLY D 96 -21.38 -33.40 -0.76
C GLY D 96 -20.63 -32.87 -1.98
N GLN D 97 -20.60 -33.67 -3.06
CA GLN D 97 -19.88 -33.39 -4.33
C GLN D 97 -20.76 -32.50 -5.23
N VAL D 98 -20.74 -31.20 -4.97
CA VAL D 98 -21.68 -30.20 -5.59
C VAL D 98 -20.93 -28.97 -6.11
N TRP D 99 -19.63 -28.86 -5.84
CA TRP D 99 -18.82 -27.69 -6.25
C TRP D 99 -18.11 -27.95 -7.59
N PHE D 100 -18.26 -27.00 -8.51
CA PHE D 100 -17.52 -26.97 -9.80
C PHE D 100 -16.78 -25.64 -9.89
N LYS D 101 -15.49 -25.66 -10.26
CA LYS D 101 -14.68 -24.43 -10.40
C LYS D 101 -15.09 -23.63 -11.64
N ILE D 102 -15.38 -22.34 -11.52
CA ILE D 102 -15.76 -21.47 -12.67
C ILE D 102 -14.59 -20.56 -13.06
N TYR D 103 -13.53 -20.50 -12.25
CA TYR D 103 -12.42 -19.53 -12.45
C TYR D 103 -11.21 -19.88 -11.59
N GLU D 104 -10.05 -19.64 -12.19
CA GLU D 104 -8.75 -19.60 -11.49
C GLU D 104 -7.83 -18.64 -12.27
N ASP D 105 -6.84 -18.11 -11.51
CA ASP D 105 -5.79 -17.11 -11.81
C ASP D 105 -4.46 -17.85 -11.80
N GLY D 106 -3.41 -17.26 -12.34
CA GLY D 106 -2.05 -17.81 -12.25
C GLY D 106 -1.01 -16.71 -12.17
N PRO D 107 0.19 -17.00 -11.61
CA PRO D 107 1.19 -15.97 -11.40
C PRO D 107 1.98 -15.65 -12.68
N THR D 108 2.70 -14.52 -12.67
CA THR D 108 3.66 -14.12 -13.72
C THR D 108 5.09 -14.18 -13.14
N VAL D 109 6.02 -14.80 -13.85
CA VAL D 109 7.45 -14.85 -13.46
C VAL D 109 8.09 -13.55 -13.90
N THR D 110 8.58 -12.77 -12.94
CA THR D 110 9.32 -11.51 -13.16
C THR D 110 10.73 -11.65 -12.59
N ASP D 111 11.55 -10.60 -12.81
CA ASP D 111 12.90 -10.39 -12.23
C ASP D 111 12.83 -10.50 -10.69
N ASP D 112 11.80 -9.96 -10.03
CA ASP D 112 11.70 -9.87 -8.54
C ASP D 112 10.94 -11.11 -7.96
N GLY D 113 10.62 -12.14 -8.77
CA GLY D 113 9.84 -13.32 -8.38
C GLY D 113 8.44 -13.35 -8.99
N LEU D 114 7.49 -14.00 -8.33
CA LEU D 114 6.10 -14.19 -8.86
C LEU D 114 5.27 -12.92 -8.57
N THR D 115 4.59 -12.40 -9.59
CA THR D 115 3.51 -11.39 -9.41
C THR D 115 2.19 -12.09 -9.74
N TRP D 116 1.06 -11.52 -9.29
CA TRP D 116 -0.29 -12.14 -9.32
C TRP D 116 -1.34 -11.13 -9.81
N PRO D 117 -2.30 -11.53 -10.68
CA PRO D 117 -3.35 -10.64 -11.14
C PRO D 117 -4.18 -10.09 -9.98
N SER D 118 -4.15 -10.72 -8.79
CA SER D 118 -4.94 -10.31 -7.61
C SER D 118 -4.20 -9.27 -6.77
N ASP D 119 -2.89 -9.09 -6.96
CA ASP D 119 -2.03 -8.25 -6.07
C ASP D 119 -2.70 -6.89 -5.86
N GLY D 120 -3.16 -6.59 -4.64
CA GLY D 120 -3.70 -5.28 -4.25
C GLY D 120 -5.16 -5.09 -4.64
N ALA D 121 -5.81 -6.09 -5.23
CA ALA D 121 -7.16 -5.93 -5.81
C ALA D 121 -8.16 -5.39 -4.75
N THR D 122 -9.03 -4.44 -5.12
CA THR D 122 -10.09 -3.84 -4.24
C THR D 122 -11.45 -4.49 -4.56
N ASN D 123 -11.51 -5.15 -5.71
CA ASN D 123 -12.71 -5.87 -6.18
C ASN D 123 -12.27 -6.93 -7.18
N VAL D 124 -13.16 -7.88 -7.39
CA VAL D 124 -12.85 -9.17 -8.03
C VAL D 124 -14.08 -9.52 -8.87
N ASN D 125 -13.94 -10.07 -10.09
CA ASN D 125 -15.10 -10.36 -10.98
C ASN D 125 -15.00 -11.76 -11.59
N PHE D 126 -16.16 -12.39 -11.79
CA PHE D 126 -16.30 -13.72 -12.42
C PHE D 126 -17.40 -13.62 -13.45
N THR D 127 -17.53 -14.65 -14.28
CA THR D 127 -18.64 -14.73 -15.26
C THR D 127 -19.40 -16.00 -14.96
N ILE D 128 -20.68 -15.89 -14.59
CA ILE D 128 -21.63 -17.04 -14.55
C ILE D 128 -21.63 -17.66 -15.95
N PRO D 129 -21.22 -18.94 -16.15
CA PRO D 129 -21.19 -19.53 -17.48
C PRO D 129 -22.57 -19.40 -18.15
N SER D 130 -22.59 -19.28 -19.47
CA SER D 130 -23.80 -18.93 -20.27
C SER D 130 -24.69 -20.17 -20.48
N SER D 131 -24.15 -21.38 -20.31
CA SER D 131 -24.92 -22.65 -20.46
C SER D 131 -25.36 -23.19 -19.09
N LEU D 132 -24.90 -22.60 -17.97
CA LEU D 132 -25.36 -23.00 -16.61
C LEU D 132 -26.88 -22.96 -16.57
N PRO D 133 -27.59 -24.00 -16.07
CA PRO D 133 -29.06 -23.98 -15.99
C PRO D 133 -29.66 -23.13 -14.85
N ASP D 134 -30.92 -22.75 -15.00
CA ASP D 134 -31.68 -22.00 -13.98
C ASP D 134 -31.53 -22.77 -12.67
N GLY D 135 -31.29 -22.04 -11.57
CA GLY D 135 -31.15 -22.60 -10.23
C GLY D 135 -30.79 -21.54 -9.20
N ASP D 136 -30.98 -21.87 -7.92
CA ASP D 136 -30.27 -21.20 -6.80
C ASP D 136 -28.92 -21.91 -6.68
N TYR D 137 -27.87 -21.10 -6.49
CA TYR D 137 -26.45 -21.53 -6.42
C TYR D 137 -25.75 -20.76 -5.31
N LEU D 138 -24.82 -21.44 -4.64
CA LEU D 138 -23.74 -20.75 -3.87
C LEU D 138 -22.62 -20.38 -4.83
N LEU D 139 -22.02 -19.20 -4.61
CA LEU D 139 -20.81 -18.65 -5.29
C LEU D 139 -19.73 -18.48 -4.22
N ARG D 140 -18.74 -19.37 -4.24
CA ARG D 140 -17.59 -19.40 -3.32
C ARG D 140 -16.41 -18.75 -4.02
N VAL D 141 -16.02 -17.57 -3.53
CA VAL D 141 -14.83 -16.84 -4.00
C VAL D 141 -13.72 -17.18 -3.03
N GLU D 142 -12.50 -17.41 -3.52
CA GLU D 142 -11.35 -17.78 -2.66
C GLU D 142 -10.06 -17.18 -3.22
N HIS D 143 -9.27 -16.54 -2.37
CA HIS D 143 -7.85 -16.18 -2.60
C HIS D 143 -7.00 -17.00 -1.64
N ILE D 144 -6.03 -17.74 -2.18
CA ILE D 144 -5.06 -18.58 -1.41
C ILE D 144 -3.77 -17.77 -1.24
N ALA D 145 -3.47 -17.38 -0.01
CA ALA D 145 -2.25 -16.60 0.34
C ALA D 145 -1.12 -17.61 0.54
N LEU D 146 0.00 -17.42 -0.16
CA LEU D 146 1.09 -18.43 -0.36
C LEU D 146 2.43 -17.97 0.25
N HIS D 147 2.50 -16.74 0.77
CA HIS D 147 3.69 -16.14 1.44
C HIS D 147 4.31 -17.08 2.48
N GLY D 148 3.50 -17.79 3.27
CA GLY D 148 3.97 -18.76 4.28
C GLY D 148 3.59 -20.19 3.93
N ALA D 149 3.36 -20.49 2.65
CA ALA D 149 2.84 -21.79 2.18
C ALA D 149 3.98 -22.83 2.08
N GLY D 150 5.22 -22.45 2.42
CA GLY D 150 6.43 -23.29 2.33
C GLY D 150 6.32 -24.53 3.20
N THR D 151 5.53 -24.47 4.26
CA THR D 151 5.37 -25.56 5.24
C THR D 151 3.91 -26.01 5.25
N GLU D 152 3.69 -27.29 5.53
CA GLU D 152 2.36 -27.92 5.47
C GLU D 152 1.45 -27.20 6.47
N GLY D 153 0.27 -26.77 6.04
CA GLY D 153 -0.68 -26.03 6.89
C GLY D 153 -0.21 -24.61 7.08
N GLY D 154 0.61 -24.11 6.14
CA GLY D 154 1.11 -22.72 6.12
C GLY D 154 0.37 -21.83 5.13
N ALA D 155 -0.25 -22.39 4.08
CA ALA D 155 -1.11 -21.63 3.15
C ALA D 155 -2.32 -21.10 3.92
N GLN D 156 -2.83 -19.92 3.52
CA GLN D 156 -4.00 -19.25 4.13
C GLN D 156 -5.12 -19.21 3.10
N PHE D 157 -6.37 -19.26 3.54
CA PHE D 157 -7.55 -19.28 2.65
C PHE D 157 -8.49 -18.17 3.11
N TYR D 158 -8.82 -17.27 2.19
CA TYR D 158 -9.74 -16.12 2.35
C TYR D 158 -10.92 -16.35 1.38
N LEU D 159 -12.14 -16.46 1.93
CA LEU D 159 -13.32 -17.16 1.33
C LEU D 159 -14.61 -16.46 1.70
N SER D 160 -15.56 -16.40 0.75
CA SER D 160 -16.98 -16.14 1.09
C SER D 160 -17.89 -16.93 0.14
N CYS D 161 -19.10 -17.22 0.59
CA CYS D 161 -20.18 -17.82 -0.23
C CYS D 161 -21.26 -16.75 -0.42
N GLY D 162 -21.45 -16.31 -1.68
CA GLY D 162 -22.61 -15.55 -2.14
C GLY D 162 -23.77 -16.46 -2.52
N GLN D 163 -24.99 -15.92 -2.57
CA GLN D 163 -26.25 -16.61 -2.97
C GLN D 163 -26.81 -15.88 -4.20
N VAL D 164 -26.98 -16.59 -5.31
CA VAL D 164 -27.55 -16.04 -6.57
C VAL D 164 -28.64 -16.97 -7.06
N SER D 165 -29.69 -16.40 -7.64
CA SER D 165 -30.75 -17.14 -8.36
C SER D 165 -30.56 -16.88 -9.86
N VAL D 166 -30.20 -17.92 -10.61
CA VAL D 166 -29.77 -17.83 -12.04
C VAL D 166 -31.02 -18.09 -12.89
N THR D 167 -31.32 -17.21 -13.84
CA THR D 167 -32.32 -17.44 -14.92
C THR D 167 -31.68 -17.21 -16.30
N GLY D 168 -32.45 -17.46 -17.37
CA GLY D 168 -31.94 -17.43 -18.75
C GLY D 168 -30.71 -18.32 -18.89
N GLY D 169 -30.77 -19.49 -18.24
CA GLY D 169 -29.70 -20.51 -18.28
C GLY D 169 -29.82 -21.39 -19.51
N GLY D 170 -28.78 -22.18 -19.75
CA GLY D 170 -28.75 -23.18 -20.82
C GLY D 170 -28.95 -24.57 -20.25
N ASN D 171 -28.17 -25.50 -20.77
CA ASN D 171 -28.37 -26.96 -20.62
C ASN D 171 -27.18 -27.62 -19.96
N GLY D 172 -26.18 -26.85 -19.51
CA GLY D 172 -24.84 -27.36 -19.17
C GLY D 172 -24.86 -28.43 -18.08
N ASP D 173 -23.85 -29.30 -18.07
CA ASP D 173 -23.64 -30.32 -17.00
C ASP D 173 -22.31 -29.98 -16.32
N PRO D 174 -22.29 -29.07 -15.31
CA PRO D 174 -21.05 -28.70 -14.62
C PRO D 174 -20.36 -29.96 -14.13
N ALA D 175 -19.09 -30.12 -14.50
CA ALA D 175 -18.20 -31.23 -14.06
C ALA D 175 -16.76 -30.73 -14.15
N PRO D 176 -15.83 -31.34 -13.39
CA PRO D 176 -16.17 -32.28 -12.33
C PRO D 176 -16.67 -31.63 -11.04
N LEU D 177 -17.33 -32.44 -10.18
CA LEU D 177 -17.93 -31.96 -8.91
C LEU D 177 -17.06 -32.43 -7.74
N VAL D 178 -16.72 -31.50 -6.82
CA VAL D 178 -15.89 -31.80 -5.63
C VAL D 178 -16.60 -31.28 -4.36
N ALA D 179 -16.04 -31.63 -3.19
CA ALA D 179 -16.57 -31.29 -1.85
C ALA D 179 -15.59 -30.38 -1.13
N PHE D 180 -16.09 -29.49 -0.28
CA PHE D 180 -15.29 -28.68 0.70
C PHE D 180 -15.82 -28.99 2.09
N PRO D 181 -15.03 -29.62 3.01
CA PRO D 181 -13.70 -30.12 2.71
C PRO D 181 -13.69 -31.31 1.75
N GLY D 182 -12.52 -31.64 1.20
CA GLY D 182 -12.28 -32.86 0.37
C GLY D 182 -11.46 -32.60 -0.89
N ALA D 183 -11.72 -31.49 -1.59
CA ALA D 183 -11.12 -31.16 -2.90
C ALA D 183 -9.63 -30.82 -2.71
N TYR D 184 -9.26 -30.31 -1.53
CA TYR D 184 -7.88 -29.87 -1.22
C TYR D 184 -7.25 -30.86 -0.24
N ASP D 185 -6.02 -31.30 -0.56
CA ASP D 185 -5.09 -31.99 0.38
C ASP D 185 -4.00 -30.99 0.75
N PRO D 186 -3.53 -30.91 2.02
CA PRO D 186 -2.51 -29.93 2.40
C PRO D 186 -1.13 -30.15 1.75
N THR D 187 -0.92 -31.30 1.08
CA THR D 187 0.31 -31.59 0.31
C THR D 187 0.11 -31.27 -1.18
N ASP D 188 -1.08 -30.84 -1.61
CA ASP D 188 -1.32 -30.38 -3.00
C ASP D 188 -0.21 -29.43 -3.40
N PRO D 189 0.30 -29.55 -4.64
CA PRO D 189 1.41 -28.71 -5.10
C PRO D 189 1.01 -27.24 -5.41
N GLY D 190 -0.28 -26.92 -5.45
CA GLY D 190 -0.78 -25.52 -5.50
C GLY D 190 -0.97 -24.93 -4.12
N ILE D 191 -0.73 -25.72 -3.06
CA ILE D 191 -1.07 -25.39 -1.64
C ILE D 191 0.22 -25.41 -0.81
N LEU D 192 0.96 -26.51 -0.83
CA LEU D 192 2.33 -26.61 -0.23
C LEU D 192 3.37 -26.28 -1.31
N ILE D 193 4.08 -25.18 -1.17
CA ILE D 193 4.91 -24.59 -2.25
C ILE D 193 5.74 -23.45 -1.65
N ASN D 194 7.04 -23.44 -1.93
CA ASN D 194 7.92 -22.29 -1.61
C ASN D 194 7.89 -21.31 -2.80
N ILE D 195 7.28 -20.12 -2.68
CA ILE D 195 7.07 -19.21 -3.86
C ILE D 195 8.32 -18.34 -4.10
N TYR D 196 9.31 -18.38 -3.20
CA TYR D 196 10.60 -17.62 -3.25
C TYR D 196 11.77 -18.49 -3.76
N TRP D 197 11.93 -19.71 -3.20
CA TRP D 197 13.12 -20.64 -3.12
C TRP D 197 13.82 -20.74 -4.46
N PRO D 198 13.49 -21.73 -5.34
CA PRO D 198 13.46 -21.53 -6.78
C PRO D 198 12.07 -20.99 -7.04
N VAL D 199 12.01 -19.91 -7.80
CA VAL D 199 10.76 -19.26 -8.27
C VAL D 199 9.98 -20.25 -9.14
N PRO D 200 8.78 -20.73 -8.70
CA PRO D 200 8.00 -21.68 -9.49
C PRO D 200 7.89 -21.26 -10.97
N THR D 201 8.20 -22.18 -11.87
CA THR D 201 8.13 -21.95 -13.32
C THR D 201 6.72 -22.31 -13.81
N ASN D 202 5.96 -23.14 -13.07
CA ASN D 202 4.68 -23.68 -13.61
C ASN D 202 3.63 -23.89 -12.50
N TYR D 203 3.32 -22.85 -11.72
CA TYR D 203 2.32 -22.94 -10.61
C TYR D 203 0.95 -23.39 -11.13
N THR D 204 0.39 -24.36 -10.43
CA THR D 204 -0.90 -25.03 -10.73
C THR D 204 -1.85 -24.74 -9.57
N PRO D 205 -2.91 -23.91 -9.72
CA PRO D 205 -3.93 -23.79 -8.68
C PRO D 205 -4.51 -25.17 -8.35
N PRO D 206 -4.75 -25.46 -7.05
CA PRO D 206 -5.33 -26.72 -6.64
C PRO D 206 -6.83 -26.82 -6.96
N GLY D 207 -7.37 -28.02 -6.77
CA GLY D 207 -8.79 -28.34 -7.04
C GLY D 207 -8.91 -28.69 -8.50
N PRO D 208 -10.14 -28.91 -9.00
CA PRO D 208 -10.35 -29.43 -10.34
C PRO D 208 -10.34 -28.41 -11.48
N LYS D 209 -10.33 -28.91 -12.72
CA LYS D 209 -10.44 -28.15 -13.99
C LYS D 209 -11.59 -27.15 -13.88
N VAL D 210 -11.40 -25.95 -14.41
CA VAL D 210 -12.47 -24.95 -14.65
C VAL D 210 -13.55 -25.59 -15.52
N TRP D 211 -14.83 -25.49 -15.15
CA TRP D 211 -15.95 -25.79 -16.07
C TRP D 211 -16.52 -24.46 -16.60
N SER D 212 -16.52 -24.26 -17.93
CA SER D 212 -17.03 -23.01 -18.57
C SER D 212 -18.19 -23.33 -19.51
N GLY D 213 -18.51 -24.62 -19.70
CA GLY D 213 -19.56 -25.07 -20.62
C GLY D 213 -19.19 -26.41 -21.21
C1 NAG E . 13.43 9.36 14.68
C2 NAG E . 13.57 10.06 16.04
C3 NAG E . 12.64 11.26 16.24
C4 NAG E . 12.58 12.16 15.02
C5 NAG E . 12.46 11.37 13.72
C6 NAG E . 12.59 12.31 12.51
C7 NAG E . 14.42 8.49 17.81
C8 NAG E . 13.95 7.42 18.78
N2 NAG E . 13.41 9.03 17.08
O3 NAG E . 13.10 12.06 17.34
O4 NAG E . 11.49 13.08 15.19
O5 NAG E . 13.44 10.30 13.61
O6 NAG E . 13.86 12.98 12.49
O7 NAG E . 15.63 8.82 17.72
H1 NAG E . 12.45 8.87 14.69
H2 NAG E . 14.61 10.44 16.09
H3 NAG E . 11.62 10.88 16.45
H4 NAG E . 13.53 12.72 14.99
H5 NAG E . 11.45 10.93 13.69
H61 NAG E . 11.80 13.05 12.55
H62 NAG E . 12.47 11.74 11.59
H81 NAG E . 13.54 6.61 18.23
H82 NAG E . 14.76 7.08 19.36
H83 NAG E . 13.21 7.83 19.41
HN2 NAG E . 12.47 8.69 17.24
HO3 NAG E . 12.51 12.80 17.50
HO4 NAG E . 11.48 13.72 14.46
HO6 NAG E . 13.90 13.57 11.72
CU CU F . 3.59 -10.96 7.61
C1 NAG G . 6.76 10.51 18.21
C2 NAG G . 7.83 11.22 19.09
C3 NAG G . 9.06 10.31 19.31
C4 NAG G . 8.63 8.89 19.76
C5 NAG G . 7.51 8.28 18.87
C6 NAG G . 7.03 6.94 19.49
C7 NAG G . 7.80 13.83 18.91
C8 NAG G . 8.52 14.94 18.16
N2 NAG G . 8.22 12.57 18.58
O3 NAG G . 9.95 10.92 20.29
O4 NAG G . 9.78 8.03 19.79
O5 NAG G . 6.38 9.17 18.62
O6 NAG G . 6.13 7.12 20.60
O7 NAG G . 6.93 14.18 19.71
H1 NAG G . 7.15 10.46 17.18
H2 NAG G . 7.37 11.38 20.08
H3 NAG G . 9.60 10.21 18.36
H4 NAG G . 8.23 8.98 20.78
H5 NAG G . 7.97 8.03 17.91
H61 NAG G . 7.89 6.38 19.83
H62 NAG G . 6.53 6.36 18.71
H81 NAG G . 8.36 14.82 17.11
H82 NAG G . 8.15 15.88 18.48
H83 NAG G . 9.56 14.88 18.36
HN2 NAG G . 8.95 12.53 17.89
HO3 NAG G . 10.75 10.41 20.39
HO4 NAG G . 9.60 7.19 20.17
HO6 NAG G . 5.87 6.27 20.95
CU CU H . -1.45 12.96 -3.99
C1 NAG I . -6.72 -11.38 -17.83
C2 NAG I . -7.84 -11.79 -18.79
C3 NAG I . -9.06 -12.34 -18.03
C4 NAG I . -8.59 -13.48 -17.12
C5 NAG I . -7.49 -12.96 -16.17
C6 NAG I . -7.03 -14.00 -15.14
C7 NAG I . -7.78 -10.45 -20.87
C8 NAG I . -8.46 -9.25 -21.49
N2 NAG I . -8.23 -10.66 -19.62
O3 NAG I . -10.09 -12.78 -18.94
O4 NAG I . -9.74 -13.98 -16.40
O5 NAG I . -6.37 -12.44 -16.91
O6 NAG I . -6.26 -15.06 -15.68
O7 NAG I . -6.94 -11.13 -21.48
H1 NAG I . -7.11 -10.54 -17.23
H2 NAG I . -7.46 -12.60 -19.43
H3 NAG I . -9.46 -11.54 -17.39
H4 NAG I . -8.16 -14.28 -17.74
H5 NAG I . -7.93 -12.13 -15.60
H61 NAG I . -7.90 -14.43 -14.66
H62 NAG I . -6.45 -13.50 -14.36
H81 NAG I . -8.25 -8.38 -20.91
H82 NAG I . -8.11 -9.12 -22.48
H83 NAG I . -9.51 -9.41 -21.50
HN2 NAG I . -8.90 -10.03 -19.24
HO3 NAG I . -10.85 -13.11 -18.44
HO4 NAG I . -9.47 -14.72 -15.84
HO6 NAG I . -6.01 -15.66 -14.97
CU CU J . 1.20 9.62 -9.67
CU CU K . -0.24 13.08 -7.75
C1 NAG L . -13.27 -8.89 -15.26
C2 NAG L . -13.55 -9.81 -16.47
C3 NAG L . -12.77 -9.43 -17.75
C4 NAG L . -12.75 -7.90 -17.99
C5 NAG L . -12.43 -7.10 -16.71
C6 NAG L . -12.51 -5.58 -16.98
C7 NAG L . -14.29 -12.16 -15.85
C8 NAG L . -13.81 -13.52 -15.39
N2 NAG L . -13.32 -11.21 -16.05
O3 NAG L . -13.30 -10.11 -18.92
O4 NAG L . -11.76 -7.58 -19.00
O5 NAG L . -13.24 -7.47 -15.57
O6 NAG L . -13.76 -5.15 -17.52
O7 NAG L . -15.50 -11.95 -16.02
H1 NAG L . -12.28 -9.17 -14.87
H2 NAG L . -14.62 -9.70 -16.71
H3 NAG L . -11.72 -9.75 -17.60
H4 NAG L . -13.75 -7.60 -18.34
H5 NAG L . -11.39 -7.32 -16.45
H61 NAG L . -11.73 -5.32 -17.68
H62 NAG L . -12.32 -5.04 -16.06
H81 NAG L . -13.31 -13.43 -14.46
H82 NAG L . -14.65 -14.17 -15.28
H83 NAG L . -13.14 -13.93 -16.12
HN2 NAG L . -12.36 -11.48 -15.89
HO3 NAG L . -12.75 -9.90 -19.70
HO4 NAG L . -11.77 -6.63 -19.20
HO6 NAG L . -13.72 -4.19 -17.65
CU CU M . -3.32 -11.88 6.22
CU CU N . 0.14 -13.14 7.89
#